data_7OSW
#
_entry.id   7OSW
#
_entity_poly.entity_id   1
_entity_poly.type   'polypeptide(L)'
_entity_poly.pdbx_seq_one_letter_code
;GSIMPPALQQLLQTLKSPNSPQQQQQVLHILKSNPQLMAAFIKQRSQQQQ
;
_entity_poly.pdbx_strand_id   A
#
# COMPACT_ATOMS: atom_id res chain seq x y z
N GLY A 1 -0.54 -7.80 20.30
CA GLY A 1 -1.25 -6.66 19.74
C GLY A 1 -1.97 -6.99 18.45
N SER A 2 -1.88 -6.10 17.47
CA SER A 2 -2.53 -6.29 16.19
C SER A 2 -1.73 -5.64 15.06
N ILE A 3 -1.54 -6.39 13.99
CA ILE A 3 -0.79 -5.89 12.85
C ILE A 3 -1.68 -5.77 11.61
N MET A 4 -1.49 -4.70 10.84
CA MET A 4 -2.27 -4.47 9.64
C MET A 4 -1.75 -5.32 8.47
N PRO A 5 -2.63 -5.63 7.52
CA PRO A 5 -2.28 -6.43 6.35
C PRO A 5 -1.37 -5.69 5.39
N PRO A 6 -0.33 -6.37 4.90
CA PRO A 6 0.64 -5.79 3.96
C PRO A 6 0.04 -5.55 2.59
N ALA A 7 -0.92 -4.62 2.52
CA ALA A 7 -1.58 -4.29 1.26
C ALA A 7 -0.56 -3.92 0.19
N LEU A 8 0.60 -3.44 0.63
CA LEU A 8 1.67 -3.05 -0.30
C LEU A 8 2.43 -4.27 -0.80
N GLN A 9 1.92 -5.45 -0.47
CA GLN A 9 2.55 -6.70 -0.89
C GLN A 9 2.65 -6.76 -2.42
N GLN A 10 1.50 -6.77 -3.08
CA GLN A 10 1.46 -6.84 -4.53
C GLN A 10 2.18 -5.65 -5.16
N LEU A 11 2.20 -4.54 -4.43
CA LEU A 11 2.85 -3.33 -4.91
C LEU A 11 4.35 -3.57 -5.12
N LEU A 12 4.96 -4.25 -4.16
CA LEU A 12 6.39 -4.55 -4.23
C LEU A 12 6.71 -5.33 -5.51
N GLN A 13 5.95 -6.39 -5.76
CA GLN A 13 6.17 -7.21 -6.95
C GLN A 13 5.86 -6.42 -8.22
N THR A 14 4.95 -5.45 -8.11
CA THR A 14 4.56 -4.64 -9.25
C THR A 14 5.75 -3.82 -9.76
N LEU A 15 6.74 -3.63 -8.91
CA LEU A 15 7.93 -2.86 -9.27
C LEU A 15 8.71 -3.58 -10.37
N LYS A 16 8.52 -4.89 -10.46
CA LYS A 16 9.22 -5.69 -11.47
C LYS A 16 8.22 -6.33 -12.43
N SER A 17 7.56 -7.39 -11.98
CA SER A 17 6.59 -8.09 -12.80
C SER A 17 5.17 -7.73 -12.38
N PRO A 18 4.20 -7.97 -13.29
CA PRO A 18 2.79 -7.68 -13.05
C PRO A 18 2.18 -8.60 -12.00
N ASN A 19 1.15 -8.12 -11.30
CA ASN A 19 0.49 -8.91 -10.28
C ASN A 19 -0.86 -8.29 -9.91
N SER A 20 -1.84 -9.14 -9.64
CA SER A 20 -3.18 -8.68 -9.28
C SER A 20 -3.17 -8.00 -7.92
N PRO A 21 -4.16 -7.11 -7.70
CA PRO A 21 -4.29 -6.36 -6.45
C PRO A 21 -4.71 -7.26 -5.29
N GLN A 22 -3.86 -8.24 -4.96
CA GLN A 22 -4.15 -9.16 -3.86
C GLN A 22 -4.36 -8.40 -2.55
N GLN A 23 -3.26 -8.21 -1.81
CA GLN A 23 -3.32 -7.52 -0.53
C GLN A 23 -3.68 -6.05 -0.74
N GLN A 24 -3.20 -5.47 -1.84
CA GLN A 24 -3.47 -4.07 -2.15
C GLN A 24 -4.96 -3.83 -2.31
N GLN A 25 -5.73 -4.91 -2.36
CA GLN A 25 -7.17 -4.82 -2.51
C GLN A 25 -7.76 -3.78 -1.56
N GLN A 26 -9.00 -3.38 -1.82
CA GLN A 26 -9.68 -2.39 -0.98
C GLN A 26 -8.72 -1.26 -0.60
N VAL A 27 -8.07 -0.68 -1.60
CA VAL A 27 -7.13 0.41 -1.36
C VAL A 27 -7.77 1.52 -0.54
N LEU A 28 -9.05 1.78 -0.79
CA LEU A 28 -9.78 2.82 -0.08
C LEU A 28 -9.62 2.65 1.44
N HIS A 29 -9.74 1.41 1.90
CA HIS A 29 -9.61 1.11 3.32
C HIS A 29 -8.21 1.48 3.82
N ILE A 30 -7.22 1.36 2.94
CA ILE A 30 -5.84 1.68 3.30
C ILE A 30 -5.68 3.17 3.61
N LEU A 31 -6.41 4.00 2.87
CA LEU A 31 -6.35 5.44 3.07
C LEU A 31 -6.87 5.82 4.45
N LYS A 32 -6.07 6.57 5.20
CA LYS A 32 -6.45 7.01 6.54
C LYS A 32 -6.86 5.82 7.41
N SER A 33 -5.95 4.86 7.55
CA SER A 33 -6.22 3.66 8.35
C SER A 33 -4.95 3.17 9.01
N ASN A 34 -3.98 2.77 8.21
CA ASN A 34 -2.71 2.26 8.72
C ASN A 34 -1.53 2.86 7.95
N PRO A 35 -1.33 4.17 8.10
CA PRO A 35 -0.24 4.89 7.43
C PRO A 35 1.13 4.52 7.98
N GLN A 36 1.13 3.79 9.10
CA GLN A 36 2.37 3.37 9.73
C GLN A 36 3.07 2.28 8.91
N LEU A 37 2.49 1.08 8.93
CA LEU A 37 3.05 -0.04 8.19
C LEU A 37 2.73 0.07 6.70
N MET A 38 1.51 0.50 6.39
CA MET A 38 1.08 0.65 5.01
C MET A 38 1.44 2.04 4.48
N ALA A 39 2.44 2.66 5.10
CA ALA A 39 2.88 3.98 4.70
C ALA A 39 3.14 4.04 3.19
N ALA A 40 3.41 2.89 2.60
CA ALA A 40 3.67 2.82 1.16
C ALA A 40 2.54 3.45 0.36
N PHE A 41 1.38 2.81 0.39
CA PHE A 41 0.22 3.30 -0.34
C PHE A 41 -0.16 4.71 0.13
N ILE A 42 -0.32 4.86 1.44
CA ILE A 42 -0.69 6.14 2.02
C ILE A 42 0.22 7.25 1.50
N LYS A 43 1.51 7.14 1.79
CA LYS A 43 2.49 8.13 1.35
C LYS A 43 2.49 8.24 -0.18
N GLN A 44 2.25 7.12 -0.85
CA GLN A 44 2.22 7.11 -2.31
C GLN A 44 1.07 7.94 -2.85
N ARG A 45 0.00 8.04 -2.05
CA ARG A 45 -1.17 8.81 -2.44
C ARG A 45 -0.86 10.30 -2.50
N SER A 46 -0.37 10.76 -3.66
CA SER A 46 -0.03 12.16 -3.84
C SER A 46 1.17 12.54 -2.98
N GLN A 47 2.36 12.28 -3.48
CA GLN A 47 3.59 12.59 -2.76
C GLN A 47 4.50 13.50 -3.59
N GLN A 48 4.39 14.80 -3.36
CA GLN A 48 5.19 15.77 -4.09
C GLN A 48 6.51 16.04 -3.36
N GLN A 49 7.62 15.77 -4.05
CA GLN A 49 8.94 15.98 -3.47
C GLN A 49 9.48 17.35 -3.83
N GLN A 50 10.30 17.91 -2.93
CA GLN A 50 10.88 19.23 -3.16
C GLN A 50 9.79 20.29 -3.28
N GLY A 1 -8.23 -4.56 14.37
CA GLY A 1 -7.44 -5.77 14.34
C GLY A 1 -6.06 -5.58 14.94
N SER A 2 -5.28 -6.65 14.99
CA SER A 2 -3.93 -6.59 15.54
C SER A 2 -2.94 -6.08 14.51
N ILE A 3 -2.86 -6.78 13.38
CA ILE A 3 -1.96 -6.40 12.30
C ILE A 3 -2.72 -5.98 11.05
N MET A 4 -2.22 -4.93 10.39
CA MET A 4 -2.86 -4.43 9.18
C MET A 4 -2.49 -5.27 7.97
N PRO A 5 -3.36 -5.29 6.96
CA PRO A 5 -3.14 -6.05 5.73
C PRO A 5 -2.02 -5.47 4.88
N PRO A 6 -1.03 -6.32 4.54
CA PRO A 6 0.12 -5.91 3.72
C PRO A 6 -0.27 -5.63 2.27
N ALA A 7 -1.03 -4.56 2.07
CA ALA A 7 -1.47 -4.18 0.74
C ALA A 7 -0.27 -4.01 -0.20
N LEU A 8 0.90 -3.75 0.37
CA LEU A 8 2.11 -3.58 -0.43
C LEU A 8 2.61 -4.91 -0.96
N GLN A 9 1.96 -5.99 -0.53
CA GLN A 9 2.35 -7.34 -0.97
C GLN A 9 2.36 -7.42 -2.49
N GLN A 10 1.23 -7.10 -3.10
CA GLN A 10 1.11 -7.15 -4.57
C GLN A 10 2.16 -6.26 -5.22
N LEU A 11 2.43 -5.11 -4.61
CA LEU A 11 3.41 -4.18 -5.14
C LEU A 11 4.80 -4.82 -5.20
N LEU A 12 5.17 -5.51 -4.13
CA LEU A 12 6.47 -6.18 -4.06
C LEU A 12 6.64 -7.15 -5.22
N GLN A 13 5.64 -8.00 -5.44
CA GLN A 13 5.68 -8.97 -6.51
C GLN A 13 5.68 -8.28 -7.87
N THR A 14 5.03 -7.13 -7.94
CA THR A 14 4.96 -6.37 -9.18
C THR A 14 6.35 -5.92 -9.64
N LEU A 15 7.28 -5.88 -8.70
CA LEU A 15 8.65 -5.48 -9.02
C LEU A 15 9.32 -6.47 -9.96
N LYS A 16 8.83 -7.70 -9.96
CA LYS A 16 9.36 -8.75 -10.81
C LYS A 16 8.32 -9.24 -11.81
N SER A 17 7.39 -10.06 -11.33
CA SER A 17 6.33 -10.60 -12.17
C SER A 17 5.02 -9.88 -11.93
N PRO A 18 4.09 -9.99 -12.90
CA PRO A 18 2.77 -9.35 -12.82
C PRO A 18 1.89 -9.98 -11.75
N ASN A 19 1.00 -9.18 -11.18
CA ASN A 19 0.09 -9.67 -10.15
C ASN A 19 -1.08 -8.71 -9.96
N SER A 20 -2.27 -9.27 -9.76
CA SER A 20 -3.47 -8.46 -9.56
C SER A 20 -3.41 -7.70 -8.24
N PRO A 21 -4.05 -6.51 -8.20
CA PRO A 21 -4.08 -5.67 -7.01
C PRO A 21 -4.92 -6.28 -5.89
N GLN A 22 -4.57 -7.50 -5.49
CA GLN A 22 -5.30 -8.19 -4.43
C GLN A 22 -5.25 -7.39 -3.13
N GLN A 23 -4.17 -7.58 -2.37
CA GLN A 23 -3.99 -6.87 -1.10
C GLN A 23 -3.90 -5.37 -1.32
N GLN A 24 -3.19 -4.96 -2.36
CA GLN A 24 -3.03 -3.55 -2.69
C GLN A 24 -4.40 -2.87 -2.87
N GLN A 25 -5.43 -3.68 -3.06
CA GLN A 25 -6.78 -3.16 -3.24
C GLN A 25 -7.12 -2.15 -2.16
N GLN A 26 -8.13 -1.31 -2.43
CA GLN A 26 -8.55 -0.30 -1.48
C GLN A 26 -7.44 0.72 -1.24
N VAL A 27 -6.82 1.18 -2.33
CA VAL A 27 -5.74 2.17 -2.23
C VAL A 27 -6.14 3.35 -1.36
N LEU A 28 -7.35 3.86 -1.58
CA LEU A 28 -7.86 4.99 -0.82
C LEU A 28 -7.82 4.69 0.67
N HIS A 29 -8.28 3.50 1.05
CA HIS A 29 -8.30 3.10 2.45
C HIS A 29 -6.89 3.03 3.01
N ILE A 30 -5.93 2.68 2.17
CA ILE A 30 -4.53 2.58 2.58
C ILE A 30 -3.99 3.94 3.01
N LEU A 31 -4.33 4.97 2.25
CA LEU A 31 -3.88 6.32 2.54
C LEU A 31 -4.44 6.81 3.89
N LYS A 32 -3.55 7.25 4.76
CA LYS A 32 -3.95 7.74 6.07
C LYS A 32 -4.70 6.67 6.85
N SER A 33 -4.07 5.52 7.02
CA SER A 33 -4.67 4.41 7.74
C SER A 33 -3.63 3.61 8.50
N ASN A 34 -2.74 2.95 7.76
CA ASN A 34 -1.68 2.14 8.36
C ASN A 34 -0.31 2.62 7.90
N PRO A 35 0.07 3.85 8.29
CA PRO A 35 1.35 4.44 7.93
C PRO A 35 2.52 3.76 8.62
N GLN A 36 2.21 2.97 9.65
CA GLN A 36 3.25 2.25 10.39
C GLN A 36 3.78 1.07 9.60
N LEU A 37 2.99 0.01 9.52
CA LEU A 37 3.39 -1.19 8.78
C LEU A 37 3.32 -0.95 7.29
N MET A 38 2.25 -0.29 6.84
CA MET A 38 2.06 -0.01 5.42
C MET A 38 2.74 1.31 5.05
N ALA A 39 3.77 1.68 5.80
CA ALA A 39 4.50 2.92 5.54
C ALA A 39 4.93 3.01 4.08
N ALA A 40 5.05 1.85 3.44
CA ALA A 40 5.45 1.80 2.03
C ALA A 40 4.52 2.64 1.16
N PHE A 41 3.25 2.22 1.09
CA PHE A 41 2.27 2.93 0.29
C PHE A 41 2.12 4.37 0.75
N ILE A 42 1.92 4.57 2.05
CA ILE A 42 1.78 5.90 2.62
C ILE A 42 2.94 6.80 2.22
N LYS A 43 4.14 6.40 2.60
CA LYS A 43 5.34 7.17 2.28
C LYS A 43 5.50 7.32 0.76
N GLN A 44 5.11 6.29 0.03
CA GLN A 44 5.21 6.30 -1.43
C GLN A 44 4.32 7.39 -2.02
N ARG A 45 3.00 7.13 -2.03
CA ARG A 45 2.05 8.09 -2.56
C ARG A 45 1.91 9.30 -1.65
N SER A 46 2.80 10.28 -1.83
CA SER A 46 2.78 11.48 -1.03
C SER A 46 3.35 12.67 -1.80
N GLN A 47 2.48 13.42 -2.46
CA GLN A 47 2.90 14.57 -3.24
C GLN A 47 2.23 15.85 -2.73
N GLN A 48 2.76 17.00 -3.12
CA GLN A 48 2.22 18.28 -2.71
C GLN A 48 1.14 18.75 -3.68
N GLN A 49 -0.12 18.53 -3.32
CA GLN A 49 -1.24 18.94 -4.16
C GLN A 49 -1.76 20.31 -3.76
N GLN A 50 -2.29 21.05 -4.72
CA GLN A 50 -2.82 22.39 -4.47
C GLN A 50 -4.33 22.37 -4.45
N GLY A 1 -7.39 -5.95 12.90
CA GLY A 1 -7.00 -6.13 14.28
C GLY A 1 -6.06 -5.06 14.78
N SER A 2 -4.96 -5.48 15.40
CA SER A 2 -3.97 -4.55 15.92
C SER A 2 -3.15 -3.93 14.78
N ILE A 3 -2.68 -4.78 13.88
CA ILE A 3 -1.89 -4.32 12.74
C ILE A 3 -2.61 -4.57 11.44
N MET A 4 -2.50 -3.62 10.51
CA MET A 4 -3.14 -3.73 9.21
C MET A 4 -2.33 -4.63 8.28
N PRO A 5 -3.01 -5.23 7.28
CA PRO A 5 -2.38 -6.11 6.31
C PRO A 5 -1.44 -5.37 5.36
N PRO A 6 -0.37 -6.05 4.95
CA PRO A 6 0.62 -5.47 4.03
C PRO A 6 0.07 -5.28 2.63
N ALA A 7 -0.95 -4.45 2.50
CA ALA A 7 -1.57 -4.19 1.20
C ALA A 7 -0.53 -3.71 0.19
N LEU A 8 0.57 -3.16 0.69
CA LEU A 8 1.63 -2.65 -0.17
C LEU A 8 2.48 -3.80 -0.70
N GLN A 9 2.13 -5.02 -0.33
CA GLN A 9 2.85 -6.20 -0.77
C GLN A 9 2.94 -6.24 -2.30
N GLN A 10 1.80 -6.40 -2.94
CA GLN A 10 1.75 -6.46 -4.41
C GLN A 10 2.33 -5.19 -5.02
N LEU A 11 2.17 -4.07 -4.31
CA LEU A 11 2.67 -2.79 -4.78
C LEU A 11 4.18 -2.84 -5.00
N LEU A 12 4.89 -3.44 -4.05
CA LEU A 12 6.35 -3.55 -4.14
C LEU A 12 6.75 -4.31 -5.41
N GLN A 13 6.13 -5.47 -5.62
CA GLN A 13 6.43 -6.29 -6.79
C GLN A 13 6.04 -5.56 -8.07
N THR A 14 5.04 -4.69 -7.98
CA THR A 14 4.57 -3.93 -9.14
C THR A 14 5.64 -2.99 -9.65
N LEU A 15 6.61 -2.68 -8.78
CA LEU A 15 7.70 -1.78 -9.14
C LEU A 15 8.58 -2.40 -10.22
N LYS A 16 8.55 -3.73 -10.31
CA LYS A 16 9.34 -4.44 -11.30
C LYS A 16 8.44 -5.22 -12.27
N SER A 17 7.90 -6.34 -11.79
CA SER A 17 7.02 -7.16 -12.61
C SER A 17 5.55 -6.94 -12.24
N PRO A 18 4.65 -7.32 -13.15
CA PRO A 18 3.21 -7.17 -12.94
C PRO A 18 2.67 -8.12 -11.88
N ASN A 19 1.61 -7.70 -11.20
CA ASN A 19 1.00 -8.51 -10.15
C ASN A 19 -0.40 -8.02 -9.83
N SER A 20 -1.32 -8.96 -9.58
CA SER A 20 -2.69 -8.62 -9.26
C SER A 20 -2.78 -7.94 -7.89
N PRO A 21 -3.81 -7.09 -7.72
CA PRO A 21 -4.03 -6.36 -6.47
C PRO A 21 -4.48 -7.27 -5.34
N GLN A 22 -3.71 -8.32 -5.09
CA GLN A 22 -4.03 -9.28 -4.03
C GLN A 22 -4.08 -8.58 -2.67
N GLN A 23 -2.93 -8.38 -2.07
CA GLN A 23 -2.84 -7.73 -0.76
C GLN A 23 -3.34 -6.30 -0.84
N GLN A 24 -2.97 -5.59 -1.90
CA GLN A 24 -3.38 -4.21 -2.09
C GLN A 24 -4.90 -4.10 -2.08
N GLN A 25 -5.58 -5.22 -2.27
CA GLN A 25 -7.04 -5.24 -2.28
C GLN A 25 -7.60 -4.50 -1.07
N GLN A 26 -8.88 -4.17 -1.13
CA GLN A 26 -9.54 -3.47 -0.05
C GLN A 26 -8.99 -2.05 0.11
N VAL A 27 -9.14 -1.25 -0.95
CA VAL A 27 -8.65 0.13 -0.94
C VAL A 27 -9.09 0.85 0.33
N LEU A 28 -10.34 0.62 0.73
CA LEU A 28 -10.88 1.26 1.92
C LEU A 28 -9.97 1.04 3.12
N HIS A 29 -9.39 -0.16 3.22
CA HIS A 29 -8.50 -0.49 4.32
C HIS A 29 -7.26 0.42 4.30
N ILE A 30 -6.61 0.50 3.14
CA ILE A 30 -5.42 1.32 2.99
C ILE A 30 -5.75 2.80 3.15
N LEU A 31 -6.96 3.18 2.73
CA LEU A 31 -7.40 4.57 2.83
C LEU A 31 -8.13 4.82 4.15
N LYS A 32 -7.81 4.00 5.16
CA LYS A 32 -8.43 4.14 6.47
C LYS A 32 -7.47 4.78 7.46
N SER A 33 -6.62 5.67 6.96
CA SER A 33 -5.64 6.35 7.80
C SER A 33 -4.59 5.38 8.32
N ASN A 34 -3.86 4.76 7.39
CA ASN A 34 -2.82 3.80 7.74
C ASN A 34 -1.49 4.18 7.10
N PRO A 35 -1.03 5.42 7.39
CA PRO A 35 0.23 5.93 6.86
C PRO A 35 1.44 5.23 7.46
N GLN A 36 1.21 4.49 8.54
CA GLN A 36 2.29 3.77 9.21
C GLN A 36 2.72 2.56 8.40
N LEU A 37 1.93 1.50 8.45
CA LEU A 37 2.22 0.27 7.72
C LEU A 37 1.91 0.43 6.24
N MET A 38 0.79 1.08 5.95
CA MET A 38 0.39 1.30 4.56
C MET A 38 0.99 2.60 4.02
N ALA A 39 2.13 2.99 4.56
CA ALA A 39 2.81 4.20 4.13
C ALA A 39 3.05 4.20 2.63
N ALA A 40 3.07 3.00 2.05
CA ALA A 40 3.29 2.86 0.61
C ALA A 40 2.24 3.62 -0.18
N PHE A 41 1.00 3.15 -0.12
CA PHE A 41 -0.10 3.79 -0.84
C PHE A 41 -0.25 5.25 -0.42
N ILE A 42 -0.25 5.48 0.89
CA ILE A 42 -0.39 6.82 1.44
C ILE A 42 0.67 7.76 0.84
N LYS A 43 1.93 7.45 1.09
CA LYS A 43 3.03 8.27 0.58
C LYS A 43 3.01 8.32 -0.95
N GLN A 44 2.52 7.24 -1.56
CA GLN A 44 2.45 7.16 -3.01
C GLN A 44 1.47 8.19 -3.57
N ARG A 45 0.39 8.42 -2.82
CA ARG A 45 -0.63 9.39 -3.23
C ARG A 45 -0.10 10.81 -3.17
N SER A 46 0.76 11.07 -2.17
CA SER A 46 1.33 12.40 -2.00
C SER A 46 2.56 12.58 -2.88
N GLN A 47 3.11 13.79 -2.88
CA GLN A 47 4.28 14.10 -3.69
C GLN A 47 5.45 14.51 -2.81
N GLN A 48 6.62 13.91 -3.06
CA GLN A 48 7.81 14.21 -2.29
C GLN A 48 8.61 15.33 -2.94
N GLN A 49 9.57 15.88 -2.20
CA GLN A 49 10.41 16.96 -2.71
C GLN A 49 11.70 16.41 -3.33
N GLN A 50 11.98 16.83 -4.56
CA GLN A 50 13.17 16.38 -5.26
C GLN A 50 14.25 17.47 -5.26
N GLY A 1 -6.86 -3.16 18.91
CA GLY A 1 -5.59 -3.84 18.72
C GLY A 1 -5.65 -4.90 17.64
N SER A 2 -5.15 -4.56 16.46
CA SER A 2 -5.16 -5.48 15.33
C SER A 2 -4.04 -5.15 14.34
N ILE A 3 -3.96 -5.92 13.27
CA ILE A 3 -2.95 -5.70 12.24
C ILE A 3 -3.57 -5.28 10.92
N MET A 4 -2.93 -4.34 10.24
CA MET A 4 -3.43 -3.86 8.95
C MET A 4 -3.07 -4.83 7.83
N PRO A 5 -3.88 -4.82 6.76
CA PRO A 5 -3.66 -5.68 5.60
C PRO A 5 -2.43 -5.29 4.80
N PRO A 6 -1.60 -6.28 4.44
CA PRO A 6 -0.38 -6.06 3.67
C PRO A 6 -0.67 -5.67 2.23
N ALA A 7 -1.35 -4.53 2.05
CA ALA A 7 -1.69 -4.04 0.72
C ALA A 7 -0.44 -3.90 -0.15
N LEU A 8 0.71 -3.74 0.50
CA LEU A 8 1.97 -3.59 -0.21
C LEU A 8 2.42 -4.92 -0.82
N GLN A 9 1.68 -5.98 -0.50
CA GLN A 9 1.99 -7.30 -1.03
C GLN A 9 2.11 -7.28 -2.54
N GLN A 10 1.04 -6.87 -3.21
CA GLN A 10 1.03 -6.80 -4.67
C GLN A 10 2.16 -5.92 -5.19
N LEU A 11 2.43 -4.84 -4.47
CA LEU A 11 3.50 -3.92 -4.85
C LEU A 11 4.85 -4.62 -4.87
N LEU A 12 5.11 -5.44 -3.86
CA LEU A 12 6.37 -6.18 -3.77
C LEU A 12 6.57 -7.05 -5.00
N GLN A 13 5.56 -7.83 -5.34
CA GLN A 13 5.63 -8.72 -6.50
C GLN A 13 5.69 -7.91 -7.79
N THR A 14 5.10 -6.73 -7.78
CA THR A 14 5.08 -5.86 -8.95
C THR A 14 6.49 -5.44 -9.34
N LEU A 15 7.41 -5.49 -8.38
CA LEU A 15 8.79 -5.11 -8.64
C LEU A 15 9.45 -6.08 -9.60
N LYS A 16 8.91 -7.30 -9.68
CA LYS A 16 9.45 -8.32 -10.57
C LYS A 16 8.43 -8.68 -11.66
N SER A 17 7.44 -9.48 -11.30
CA SER A 17 6.41 -9.89 -12.24
C SER A 17 5.11 -9.12 -12.01
N PRO A 18 4.24 -9.10 -13.03
CA PRO A 18 2.96 -8.41 -12.96
C PRO A 18 1.98 -9.08 -12.01
N ASN A 19 1.08 -8.30 -11.43
CA ASN A 19 0.09 -8.83 -10.50
C ASN A 19 -1.04 -7.82 -10.28
N SER A 20 -2.26 -8.33 -10.19
CA SER A 20 -3.44 -7.49 -9.98
C SER A 20 -3.40 -6.84 -8.59
N PRO A 21 -3.99 -5.65 -8.49
CA PRO A 21 -4.05 -4.90 -7.23
C PRO A 21 -4.97 -5.56 -6.20
N GLN A 22 -4.66 -6.80 -5.86
CA GLN A 22 -5.47 -7.54 -4.89
C GLN A 22 -5.44 -6.86 -3.52
N GLN A 23 -4.40 -7.16 -2.74
CA GLN A 23 -4.25 -6.57 -1.42
C GLN A 23 -4.08 -5.06 -1.49
N GLN A 24 -3.27 -4.61 -2.46
CA GLN A 24 -3.02 -3.19 -2.64
C GLN A 24 -4.32 -2.44 -2.87
N GLN A 25 -5.39 -3.17 -3.18
CA GLN A 25 -6.69 -2.57 -3.41
C GLN A 25 -7.03 -1.56 -2.32
N GLN A 26 -7.92 -0.62 -2.65
CA GLN A 26 -8.32 0.41 -1.70
C GLN A 26 -7.14 1.27 -1.29
N VAL A 27 -6.30 1.61 -2.26
CA VAL A 27 -5.13 2.43 -2.00
C VAL A 27 -5.50 3.70 -1.23
N LEU A 28 -6.60 4.32 -1.64
CA LEU A 28 -7.07 5.54 -0.99
C LEU A 28 -7.17 5.35 0.52
N HIS A 29 -7.77 4.24 0.94
CA HIS A 29 -7.93 3.94 2.35
C HIS A 29 -6.57 3.79 3.04
N ILE A 30 -5.59 3.30 2.29
CA ILE A 30 -4.24 3.11 2.81
C ILE A 30 -3.60 4.45 3.17
N LEU A 31 -3.90 5.48 2.38
CA LEU A 31 -3.36 6.81 2.61
C LEU A 31 -3.84 7.38 3.93
N LYS A 32 -2.90 7.74 4.81
CA LYS A 32 -3.24 8.29 6.11
C LYS A 32 -4.12 7.33 6.91
N SER A 33 -3.65 6.11 7.06
CA SER A 33 -4.39 5.08 7.79
C SER A 33 -3.44 4.15 8.54
N ASN A 34 -2.64 3.41 7.79
CA ASN A 34 -1.68 2.47 8.36
C ASN A 34 -0.27 2.81 7.94
N PRO A 35 0.22 4.00 8.35
CA PRO A 35 1.57 4.46 8.01
C PRO A 35 2.65 3.65 8.73
N GLN A 36 2.23 2.84 9.70
CA GLN A 36 3.17 2.03 10.47
C GLN A 36 3.67 0.85 9.64
N LEU A 37 2.82 -0.15 9.47
CA LEU A 37 3.17 -1.33 8.69
C LEU A 37 3.20 -1.02 7.20
N MET A 38 2.22 -0.25 6.75
CA MET A 38 2.14 0.12 5.34
C MET A 38 2.93 1.40 5.06
N ALA A 39 3.92 1.65 5.90
CA ALA A 39 4.76 2.84 5.75
C ALA A 39 5.29 2.96 4.32
N ALA A 40 5.38 1.82 3.63
CA ALA A 40 5.86 1.79 2.26
C ALA A 40 5.05 2.72 1.37
N PHE A 41 3.78 2.40 1.19
CA PHE A 41 2.89 3.22 0.36
C PHE A 41 2.81 4.65 0.88
N ILE A 42 2.54 4.78 2.18
CA ILE A 42 2.44 6.09 2.80
C ILE A 42 3.68 6.94 2.52
N LYS A 43 4.83 6.45 2.98
CA LYS A 43 6.08 7.16 2.77
C LYS A 43 6.37 7.34 1.28
N GLN A 44 5.93 6.38 0.47
CA GLN A 44 6.14 6.45 -0.97
C GLN A 44 5.41 7.64 -1.57
N ARG A 45 4.22 7.92 -1.06
CA ARG A 45 3.42 9.04 -1.55
C ARG A 45 4.03 10.37 -1.12
N SER A 46 4.98 10.86 -1.91
CA SER A 46 5.65 12.13 -1.61
C SER A 46 4.84 13.30 -2.12
N GLN A 47 4.20 13.11 -3.29
CA GLN A 47 3.39 14.16 -3.90
C GLN A 47 1.94 13.73 -4.01
N GLN A 48 1.17 13.95 -2.95
CA GLN A 48 -0.24 13.58 -2.94
C GLN A 48 -1.12 14.74 -3.41
N GLN A 49 -1.91 14.49 -4.46
CA GLN A 49 -2.78 15.51 -5.01
C GLN A 49 -4.17 15.43 -4.39
N GLN A 50 -4.62 16.52 -3.79
CA GLN A 50 -5.93 16.57 -3.17
C GLN A 50 -6.75 17.75 -3.68
N GLY A 1 -4.03 -1.68 19.40
CA GLY A 1 -5.24 -2.15 18.74
C GLY A 1 -4.97 -3.29 17.79
N SER A 2 -5.30 -3.10 16.51
CA SER A 2 -5.11 -4.13 15.50
C SER A 2 -4.14 -3.64 14.42
N ILE A 3 -3.69 -4.57 13.59
CA ILE A 3 -2.75 -4.24 12.51
C ILE A 3 -3.40 -4.47 11.14
N MET A 4 -3.11 -3.58 10.20
CA MET A 4 -3.65 -3.70 8.85
C MET A 4 -2.89 -4.74 8.04
N PRO A 5 -3.54 -5.28 7.01
CA PRO A 5 -2.94 -6.29 6.13
C PRO A 5 -1.85 -5.71 5.25
N PRO A 6 -0.84 -6.54 4.93
CA PRO A 6 0.29 -6.12 4.09
C PRO A 6 -0.12 -5.91 2.64
N ALA A 7 -0.94 -4.89 2.40
CA ALA A 7 -1.41 -4.59 1.06
C ALA A 7 -0.23 -4.39 0.11
N LEU A 8 0.92 -4.05 0.66
CA LEU A 8 2.12 -3.83 -0.15
C LEU A 8 2.68 -5.16 -0.65
N GLN A 9 2.09 -6.26 -0.20
CA GLN A 9 2.54 -7.58 -0.60
C GLN A 9 2.54 -7.71 -2.12
N GLN A 10 1.40 -7.45 -2.74
CA GLN A 10 1.28 -7.54 -4.20
C GLN A 10 2.28 -6.62 -4.88
N LEU A 11 2.52 -5.46 -4.28
CA LEU A 11 3.45 -4.48 -4.83
C LEU A 11 4.85 -5.06 -4.92
N LEU A 12 5.28 -5.74 -3.85
CA LEU A 12 6.61 -6.35 -3.81
C LEU A 12 6.79 -7.32 -4.97
N GLN A 13 5.84 -8.22 -5.15
CA GLN A 13 5.91 -9.21 -6.23
C GLN A 13 5.83 -8.52 -7.60
N THR A 14 5.10 -7.41 -7.65
CA THR A 14 4.94 -6.66 -8.89
C THR A 14 6.28 -6.11 -9.38
N LEU A 15 7.22 -5.96 -8.46
CA LEU A 15 8.54 -5.45 -8.78
C LEU A 15 9.30 -6.42 -9.69
N LYS A 16 8.91 -7.68 -9.65
CA LYS A 16 9.54 -8.71 -10.47
C LYS A 16 8.54 -9.31 -11.46
N SER A 17 7.65 -10.15 -10.95
CA SER A 17 6.65 -10.79 -11.79
C SER A 17 5.30 -10.11 -11.65
N PRO A 18 4.41 -10.34 -12.62
CA PRO A 18 3.06 -9.74 -12.62
C PRO A 18 2.17 -10.32 -11.54
N ASN A 19 1.32 -9.48 -10.96
CA ASN A 19 0.41 -9.91 -9.91
C ASN A 19 -0.73 -8.92 -9.73
N SER A 20 -1.95 -9.44 -9.63
CA SER A 20 -3.13 -8.59 -9.47
C SER A 20 -3.12 -7.91 -8.10
N PRO A 21 -3.77 -6.74 -8.02
CA PRO A 21 -3.85 -5.96 -6.78
C PRO A 21 -4.73 -6.63 -5.73
N GLN A 22 -4.36 -7.85 -5.36
CA GLN A 22 -5.11 -8.61 -4.36
C GLN A 22 -5.16 -7.85 -3.03
N GLN A 23 -4.09 -8.01 -2.24
CA GLN A 23 -4.02 -7.35 -0.94
C GLN A 23 -3.95 -5.83 -1.11
N GLN A 24 -3.18 -5.38 -2.09
CA GLN A 24 -3.03 -3.96 -2.35
C GLN A 24 -4.38 -3.32 -2.65
N GLN A 25 -5.39 -4.15 -2.90
CA GLN A 25 -6.73 -3.67 -3.20
C GLN A 25 -7.15 -2.59 -2.22
N GLN A 26 -8.17 -1.81 -2.60
CA GLN A 26 -8.66 -0.74 -1.75
C GLN A 26 -7.64 0.37 -1.62
N VAL A 27 -6.94 0.67 -2.70
CA VAL A 27 -5.92 1.71 -2.71
C VAL A 27 -6.47 3.01 -2.14
N LEU A 28 -7.70 3.35 -2.53
CA LEU A 28 -8.34 4.57 -2.07
C LEU A 28 -8.27 4.68 -0.55
N HIS A 29 -8.73 3.63 0.13
CA HIS A 29 -8.72 3.60 1.59
C HIS A 29 -7.29 3.67 2.13
N ILE A 30 -6.38 3.02 1.42
CA ILE A 30 -4.97 3.01 1.83
C ILE A 30 -4.34 4.39 1.69
N LEU A 31 -4.87 5.17 0.75
CA LEU A 31 -4.36 6.52 0.51
C LEU A 31 -4.56 7.40 1.73
N LYS A 32 -3.45 7.88 2.30
CA LYS A 32 -3.51 8.75 3.47
C LYS A 32 -4.35 8.11 4.58
N SER A 33 -3.94 6.93 5.02
CA SER A 33 -4.67 6.22 6.07
C SER A 33 -3.70 5.39 6.92
N ASN A 34 -2.89 4.59 6.25
CA ASN A 34 -1.92 3.73 6.94
C ASN A 34 -0.50 4.03 6.48
N PRO A 35 -0.03 5.26 6.76
CA PRO A 35 1.31 5.71 6.39
C PRO A 35 2.40 5.00 7.20
N GLN A 36 2.05 4.59 8.41
CA GLN A 36 2.99 3.91 9.28
C GLN A 36 3.23 2.47 8.81
N LEU A 37 2.19 1.65 8.90
CA LEU A 37 2.27 0.26 8.48
C LEU A 37 2.36 0.14 6.96
N MET A 38 1.42 0.77 6.27
CA MET A 38 1.39 0.75 4.81
C MET A 38 2.25 1.87 4.24
N ALA A 39 3.36 2.16 4.90
CA ALA A 39 4.27 3.21 4.46
C ALA A 39 4.73 2.96 3.02
N ALA A 40 4.56 1.73 2.56
CA ALA A 40 4.95 1.36 1.20
C ALA A 40 4.28 2.27 0.17
N PHE A 41 2.95 2.19 0.09
CA PHE A 41 2.19 3.00 -0.85
C PHE A 41 2.42 4.48 -0.60
N ILE A 42 2.27 4.90 0.65
CA ILE A 42 2.47 6.30 1.02
C ILE A 42 3.84 6.80 0.57
N LYS A 43 4.89 6.17 1.07
CA LYS A 43 6.25 6.54 0.72
C LYS A 43 6.49 6.39 -0.78
N GLN A 44 5.77 5.46 -1.39
CA GLN A 44 5.91 5.22 -2.82
C GLN A 44 5.45 6.43 -3.63
N ARG A 45 4.16 6.74 -3.55
CA ARG A 45 3.60 7.88 -4.26
C ARG A 45 4.14 9.19 -3.69
N SER A 46 4.30 9.24 -2.38
CA SER A 46 4.80 10.44 -1.72
C SER A 46 3.98 11.66 -2.12
N GLN A 47 2.67 11.59 -1.93
CA GLN A 47 1.78 12.70 -2.28
C GLN A 47 1.01 13.19 -1.06
N GLN A 48 1.73 13.76 -0.10
CA GLN A 48 1.12 14.26 1.12
C GLN A 48 0.74 15.74 0.97
N GLN A 49 -0.55 16.03 1.03
CA GLN A 49 -1.04 17.40 0.90
C GLN A 49 -1.20 18.05 2.27
N GLN A 50 -0.50 19.16 2.47
CA GLN A 50 -0.57 19.89 3.74
C GLN A 50 -0.09 19.00 4.89
N GLY A 1 -8.81 -5.27 15.45
CA GLY A 1 -7.72 -6.06 14.92
C GLY A 1 -6.39 -5.74 15.57
N SER A 2 -5.36 -6.50 15.23
CA SER A 2 -4.03 -6.30 15.79
C SER A 2 -3.08 -5.72 14.75
N ILE A 3 -2.78 -6.50 13.72
CA ILE A 3 -1.88 -6.07 12.66
C ILE A 3 -2.62 -5.96 11.33
N MET A 4 -2.29 -4.94 10.54
CA MET A 4 -2.92 -4.74 9.24
C MET A 4 -2.30 -5.64 8.19
N PRO A 5 -3.08 -5.95 7.15
CA PRO A 5 -2.62 -6.81 6.04
C PRO A 5 -1.56 -6.14 5.19
N PRO A 6 -0.56 -6.92 4.76
CA PRO A 6 0.54 -6.42 3.92
C PRO A 6 0.08 -6.07 2.51
N ALA A 7 -0.77 -5.06 2.40
CA ALA A 7 -1.28 -4.63 1.10
C ALA A 7 -0.14 -4.31 0.14
N LEU A 8 1.02 -3.99 0.70
CA LEU A 8 2.19 -3.67 -0.11
C LEU A 8 2.77 -4.91 -0.76
N GLN A 9 2.23 -6.07 -0.39
CA GLN A 9 2.69 -7.34 -0.93
C GLN A 9 2.66 -7.33 -2.46
N GLN A 10 1.49 -7.05 -3.02
CA GLN A 10 1.34 -7.01 -4.48
C GLN A 10 2.32 -6.01 -5.10
N LEU A 11 2.52 -4.89 -4.41
CA LEU A 11 3.44 -3.86 -4.90
C LEU A 11 4.86 -4.39 -5.02
N LEU A 12 5.28 -5.17 -4.03
CA LEU A 12 6.61 -5.76 -4.02
C LEU A 12 6.84 -6.62 -5.25
N GLN A 13 5.90 -7.53 -5.51
CA GLN A 13 5.99 -8.42 -6.66
C GLN A 13 5.82 -7.64 -7.96
N THR A 14 5.10 -6.53 -7.90
CA THR A 14 4.87 -5.70 -9.07
C THR A 14 6.18 -5.13 -9.61
N LEU A 15 7.17 -5.00 -8.74
CA LEU A 15 8.47 -4.47 -9.13
C LEU A 15 9.17 -5.43 -10.10
N LYS A 16 8.78 -6.70 -10.06
CA LYS A 16 9.37 -7.70 -10.94
C LYS A 16 8.35 -8.19 -11.96
N SER A 17 7.46 -9.07 -11.53
CA SER A 17 6.43 -9.62 -12.41
C SER A 17 5.07 -9.01 -12.10
N PRO A 18 4.15 -9.10 -13.08
CA PRO A 18 2.80 -8.55 -12.94
C PRO A 18 1.96 -9.34 -11.95
N ASN A 19 1.03 -8.66 -11.28
CA ASN A 19 0.16 -9.30 -10.31
C ASN A 19 -1.05 -8.43 -9.99
N SER A 20 -2.20 -9.05 -9.79
CA SER A 20 -3.42 -8.32 -9.49
C SER A 20 -3.35 -7.68 -8.10
N PRO A 21 -4.05 -6.55 -7.94
CA PRO A 21 -4.07 -5.81 -6.67
C PRO A 21 -4.83 -6.56 -5.58
N GLN A 22 -4.34 -7.75 -5.24
CA GLN A 22 -4.98 -8.56 -4.21
C GLN A 22 -4.94 -7.85 -2.86
N GLN A 23 -3.82 -7.99 -2.16
CA GLN A 23 -3.66 -7.36 -0.85
C GLN A 23 -3.69 -5.84 -0.97
N GLN A 24 -3.00 -5.32 -1.97
CA GLN A 24 -2.95 -3.87 -2.19
C GLN A 24 -4.35 -3.30 -2.37
N GLN A 25 -5.32 -4.19 -2.59
CA GLN A 25 -6.71 -3.76 -2.77
C GLN A 25 -7.11 -2.74 -1.72
N GLN A 26 -8.17 -1.98 -2.01
CA GLN A 26 -8.65 -0.96 -1.09
C GLN A 26 -7.58 0.09 -0.82
N VAL A 27 -6.91 0.52 -1.88
CA VAL A 27 -5.85 1.52 -1.76
C VAL A 27 -6.35 2.75 -1.01
N LEU A 28 -7.55 3.21 -1.36
CA LEU A 28 -8.14 4.37 -0.72
C LEU A 28 -8.15 4.22 0.80
N HIS A 29 -8.71 3.10 1.27
CA HIS A 29 -8.78 2.82 2.69
C HIS A 29 -7.39 2.74 3.31
N ILE A 30 -6.43 2.25 2.53
CA ILE A 30 -5.06 2.12 2.99
C ILE A 30 -4.43 3.48 3.25
N LEU A 31 -4.81 4.47 2.44
CA LEU A 31 -4.29 5.82 2.59
C LEU A 31 -4.71 6.42 3.93
N LYS A 32 -3.81 7.21 4.53
CA LYS A 32 -4.08 7.85 5.81
C LYS A 32 -4.87 6.91 6.73
N SER A 33 -4.34 5.71 6.91
CA SER A 33 -4.98 4.72 7.77
C SER A 33 -3.95 3.86 8.50
N ASN A 34 -3.07 3.24 7.74
CA ASN A 34 -2.02 2.39 8.30
C ASN A 34 -0.64 2.85 7.85
N PRO A 35 -0.28 4.08 8.24
CA PRO A 35 1.02 4.67 7.88
C PRO A 35 2.17 3.99 8.61
N GLN A 36 1.86 3.25 9.66
CA GLN A 36 2.87 2.56 10.44
C GLN A 36 3.40 1.34 9.69
N LEU A 37 2.59 0.28 9.64
CA LEU A 37 2.97 -0.94 8.95
C LEU A 37 2.95 -0.75 7.44
N MET A 38 1.89 -0.11 6.96
CA MET A 38 1.74 0.15 5.53
C MET A 38 2.43 1.45 5.13
N ALA A 39 3.46 1.83 5.88
CA ALA A 39 4.21 3.04 5.61
C ALA A 39 4.67 3.09 4.15
N ALA A 40 4.78 1.91 3.54
CA ALA A 40 5.22 1.82 2.16
C ALA A 40 4.32 2.65 1.24
N PHE A 41 3.05 2.26 1.17
CA PHE A 41 2.08 2.96 0.32
C PHE A 41 1.97 4.43 0.75
N ILE A 42 1.74 4.66 2.03
CA ILE A 42 1.61 6.02 2.55
C ILE A 42 2.81 6.87 2.16
N LYS A 43 4.00 6.45 2.58
CA LYS A 43 5.22 7.19 2.26
C LYS A 43 5.43 7.28 0.75
N GLN A 44 4.99 6.25 0.03
CA GLN A 44 5.12 6.22 -1.42
C GLN A 44 4.31 7.34 -2.06
N ARG A 45 3.00 7.33 -1.83
CA ARG A 45 2.12 8.35 -2.39
C ARG A 45 2.33 9.70 -1.71
N SER A 46 3.31 10.45 -2.19
CA SER A 46 3.63 11.76 -1.62
C SER A 46 4.23 12.68 -2.66
N GLN A 47 3.44 13.65 -3.13
CA GLN A 47 3.90 14.59 -4.13
C GLN A 47 3.86 16.02 -3.60
N GLN A 48 4.17 16.98 -4.46
CA GLN A 48 4.17 18.38 -4.07
C GLN A 48 2.81 19.03 -4.36
N GLN A 49 2.00 19.17 -3.33
CA GLN A 49 0.67 19.76 -3.46
C GLN A 49 0.72 21.26 -3.16
N GLN A 50 -0.16 22.01 -3.81
CA GLN A 50 -0.22 23.45 -3.61
C GLN A 50 -1.42 23.83 -2.74
N GLY A 1 -8.75 -2.59 14.48
CA GLY A 1 -7.62 -3.40 14.02
C GLY A 1 -6.29 -2.85 14.49
N SER A 2 -5.49 -3.69 15.11
CA SER A 2 -4.18 -3.29 15.61
C SER A 2 -3.26 -2.87 14.46
N ILE A 3 -2.87 -3.85 13.66
CA ILE A 3 -1.99 -3.59 12.52
C ILE A 3 -2.70 -3.87 11.20
N MET A 4 -2.46 -3.02 10.21
CA MET A 4 -3.07 -3.18 8.90
C MET A 4 -2.34 -4.24 8.09
N PRO A 5 -3.07 -4.84 7.11
CA PRO A 5 -2.51 -5.88 6.24
C PRO A 5 -1.46 -5.33 5.28
N PRO A 6 -0.47 -6.16 4.94
CA PRO A 6 0.61 -5.79 4.02
C PRO A 6 0.12 -5.63 2.58
N ALA A 7 -0.77 -4.68 2.37
CA ALA A 7 -1.31 -4.43 1.04
C ALA A 7 -0.19 -4.18 0.02
N LEU A 8 0.96 -3.75 0.51
CA LEU A 8 2.11 -3.48 -0.34
C LEU A 8 2.72 -4.77 -0.86
N GLN A 9 2.24 -5.90 -0.34
CA GLN A 9 2.75 -7.20 -0.74
C GLN A 9 2.70 -7.36 -2.25
N GLN A 10 1.50 -7.23 -2.82
CA GLN A 10 1.32 -7.36 -4.26
C GLN A 10 2.18 -6.35 -5.02
N LEU A 11 2.24 -5.13 -4.50
CA LEU A 11 3.02 -4.07 -5.12
C LEU A 11 4.50 -4.46 -5.19
N LEU A 12 5.01 -5.03 -4.10
CA LEU A 12 6.40 -5.45 -4.03
C LEU A 12 6.72 -6.44 -5.14
N GLN A 13 5.89 -7.47 -5.26
CA GLN A 13 6.10 -8.50 -6.29
C GLN A 13 5.87 -7.92 -7.68
N THR A 14 5.05 -6.88 -7.76
CA THR A 14 4.76 -6.24 -9.04
C THR A 14 6.01 -5.61 -9.64
N LEU A 15 6.98 -5.33 -8.78
CA LEU A 15 8.24 -4.72 -9.23
C LEU A 15 9.01 -5.68 -10.15
N LYS A 16 8.73 -6.96 -10.01
CA LYS A 16 9.40 -7.98 -10.83
C LYS A 16 8.40 -8.71 -11.71
N SER A 17 7.63 -9.62 -11.11
CA SER A 17 6.64 -10.39 -11.85
C SER A 17 5.24 -9.85 -11.59
N PRO A 18 4.29 -10.20 -12.48
CA PRO A 18 2.90 -9.76 -12.36
C PRO A 18 2.18 -10.42 -11.20
N ASN A 19 1.22 -9.71 -10.63
CA ASN A 19 0.45 -10.22 -9.50
C ASN A 19 -0.85 -9.44 -9.31
N SER A 20 -1.94 -10.16 -9.06
CA SER A 20 -3.24 -9.53 -8.87
C SER A 20 -3.26 -8.72 -7.57
N PRO A 21 -4.15 -7.72 -7.52
CA PRO A 21 -4.29 -6.85 -6.35
C PRO A 21 -4.91 -7.59 -5.15
N GLN A 22 -4.28 -8.69 -4.77
CA GLN A 22 -4.76 -9.49 -3.65
C GLN A 22 -4.71 -8.68 -2.35
N GLN A 23 -3.55 -8.66 -1.72
CA GLN A 23 -3.36 -7.93 -0.47
C GLN A 23 -3.57 -6.44 -0.68
N GLN A 24 -3.13 -5.94 -1.83
CA GLN A 24 -3.27 -4.51 -2.14
C GLN A 24 -4.74 -4.11 -2.19
N GLN A 25 -5.62 -5.11 -2.12
CA GLN A 25 -7.06 -4.85 -2.16
C GLN A 25 -7.44 -3.70 -1.24
N GLN A 26 -8.60 -3.12 -1.49
CA GLN A 26 -9.08 -2.00 -0.68
C GLN A 26 -8.17 -0.78 -0.84
N VAL A 27 -7.68 -0.59 -2.06
CA VAL A 27 -6.80 0.55 -2.35
C VAL A 27 -7.41 1.85 -1.88
N LEU A 28 -8.70 2.03 -2.14
CA LEU A 28 -9.42 3.23 -1.74
C LEU A 28 -9.21 3.51 -0.24
N HIS A 29 -9.44 2.50 0.58
CA HIS A 29 -9.27 2.64 2.03
C HIS A 29 -7.82 2.94 2.38
N ILE A 30 -6.90 2.38 1.60
CA ILE A 30 -5.47 2.59 1.84
C ILE A 30 -5.08 4.04 1.56
N LEU A 31 -5.85 4.70 0.70
CA LEU A 31 -5.58 6.09 0.35
C LEU A 31 -5.70 7.00 1.58
N LYS A 32 -4.68 7.81 1.82
CA LYS A 32 -4.66 8.72 2.96
C LYS A 32 -5.32 8.07 4.18
N SER A 33 -4.74 6.96 4.63
CA SER A 33 -5.24 6.25 5.79
C SER A 33 -4.12 5.60 6.58
N ASN A 34 -3.28 4.83 5.88
CA ASN A 34 -2.16 4.16 6.52
C ASN A 34 -0.84 4.60 5.89
N PRO A 35 -0.50 5.89 6.05
CA PRO A 35 0.73 6.46 5.52
C PRO A 35 1.97 5.96 6.25
N GLN A 36 1.78 5.51 7.49
CA GLN A 36 2.89 4.99 8.28
C GLN A 36 3.31 3.61 7.81
N LEU A 37 2.47 2.61 8.08
CA LEU A 37 2.76 1.24 7.68
C LEU A 37 2.58 1.07 6.18
N MET A 38 1.45 1.52 5.67
CA MET A 38 1.16 1.41 4.23
C MET A 38 1.72 2.61 3.49
N ALA A 39 2.89 3.08 3.91
CA ALA A 39 3.53 4.22 3.27
C ALA A 39 3.77 3.96 1.78
N ALA A 40 3.69 2.68 1.41
CA ALA A 40 3.90 2.30 0.01
C ALA A 40 2.99 3.07 -0.93
N PHE A 41 1.68 2.87 -0.77
CA PHE A 41 0.71 3.56 -1.61
C PHE A 41 0.84 5.07 -1.48
N ILE A 42 0.79 5.56 -0.25
CA ILE A 42 0.92 6.99 0.01
C ILE A 42 2.15 7.58 -0.68
N LYS A 43 3.32 7.07 -0.31
CA LYS A 43 4.58 7.53 -0.89
C LYS A 43 4.57 7.34 -2.40
N GLN A 44 3.94 6.26 -2.86
CA GLN A 44 3.88 5.97 -4.29
C GLN A 44 3.08 7.04 -5.03
N ARG A 45 2.08 7.60 -4.34
CA ARG A 45 1.25 8.64 -4.95
C ARG A 45 2.04 9.93 -5.13
N SER A 46 2.45 10.53 -4.02
CA SER A 46 3.21 11.77 -4.06
C SER A 46 4.08 11.92 -2.82
N GLN A 47 4.66 13.12 -2.64
CA GLN A 47 5.51 13.39 -1.49
C GLN A 47 4.88 14.45 -0.59
N GLN A 48 4.09 14.00 0.37
CA GLN A 48 3.43 14.92 1.30
C GLN A 48 4.27 15.13 2.56
N GLN A 49 3.93 16.16 3.33
CA GLN A 49 4.66 16.46 4.55
C GLN A 49 4.00 15.80 5.76
N GLN A 50 4.74 14.89 6.40
CA GLN A 50 4.24 14.18 7.57
C GLN A 50 4.89 14.70 8.85
N GLY A 1 -8.08 -9.12 16.02
CA GLY A 1 -6.70 -8.68 15.92
C GLY A 1 -6.58 -7.18 15.75
N SER A 2 -5.34 -6.69 15.71
CA SER A 2 -5.10 -5.26 15.56
C SER A 2 -3.97 -5.01 14.56
N ILE A 3 -3.91 -5.84 13.53
CA ILE A 3 -2.89 -5.72 12.50
C ILE A 3 -3.51 -5.36 11.15
N MET A 4 -2.83 -4.47 10.41
CA MET A 4 -3.31 -4.05 9.11
C MET A 4 -2.98 -5.10 8.04
N PRO A 5 -3.77 -5.12 6.96
CA PRO A 5 -3.58 -6.07 5.85
C PRO A 5 -2.33 -5.76 5.04
N PRO A 6 -1.60 -6.81 4.65
CA PRO A 6 -0.37 -6.68 3.86
C PRO A 6 -0.64 -6.21 2.44
N ALA A 7 -1.34 -5.08 2.31
CA ALA A 7 -1.66 -4.52 1.00
C ALA A 7 -0.40 -4.31 0.17
N LEU A 8 0.74 -4.21 0.84
CA LEU A 8 2.01 -4.01 0.17
C LEU A 8 2.45 -5.27 -0.57
N GLN A 9 1.73 -6.36 -0.35
CA GLN A 9 2.05 -7.63 -0.99
C GLN A 9 2.14 -7.46 -2.50
N GLN A 10 1.05 -7.00 -3.11
CA GLN A 10 1.02 -6.80 -4.56
C GLN A 10 2.10 -5.83 -5.00
N LEU A 11 2.36 -4.82 -4.17
CA LEU A 11 3.38 -3.82 -4.47
C LEU A 11 4.75 -4.47 -4.61
N LEU A 12 5.11 -5.30 -3.65
CA LEU A 12 6.39 -5.99 -3.67
C LEU A 12 6.58 -6.79 -4.95
N GLN A 13 5.56 -7.55 -5.32
CA GLN A 13 5.60 -8.36 -6.53
C GLN A 13 5.66 -7.47 -7.78
N THR A 14 5.04 -6.30 -7.69
CA THR A 14 5.03 -5.36 -8.81
C THR A 14 6.44 -4.87 -9.13
N LEU A 15 7.33 -4.98 -8.16
CA LEU A 15 8.72 -4.54 -8.35
C LEU A 15 9.43 -5.43 -9.37
N LYS A 16 8.92 -6.64 -9.56
CA LYS A 16 9.50 -7.58 -10.51
C LYS A 16 8.51 -7.88 -11.64
N SER A 17 7.53 -8.74 -11.34
CA SER A 17 6.53 -9.11 -12.33
C SER A 17 5.21 -8.38 -12.08
N PRO A 18 4.37 -8.32 -13.11
CA PRO A 18 3.06 -7.66 -13.03
C PRO A 18 2.08 -8.41 -12.13
N ASN A 19 1.19 -7.67 -11.49
CA ASN A 19 0.19 -8.27 -10.60
C ASN A 19 -0.94 -7.29 -10.31
N SER A 20 -2.16 -7.80 -10.27
CA SER A 20 -3.33 -6.97 -10.00
C SER A 20 -3.31 -6.45 -8.57
N PRO A 21 -3.90 -5.27 -8.35
CA PRO A 21 -3.97 -4.64 -7.04
C PRO A 21 -4.90 -5.38 -6.09
N GLN A 22 -4.62 -6.66 -5.85
CA GLN A 22 -5.43 -7.47 -4.96
C GLN A 22 -5.41 -6.92 -3.54
N GLN A 23 -4.34 -7.22 -2.81
CA GLN A 23 -4.19 -6.75 -1.44
C GLN A 23 -4.11 -5.23 -1.38
N GLN A 24 -3.30 -4.65 -2.27
CA GLN A 24 -3.13 -3.21 -2.32
C GLN A 24 -4.47 -2.51 -2.56
N GLN A 25 -5.48 -3.29 -2.93
CA GLN A 25 -6.81 -2.74 -3.20
C GLN A 25 -7.22 -1.78 -2.09
N GLN A 26 -8.16 -0.89 -2.41
CA GLN A 26 -8.65 0.09 -1.45
C GLN A 26 -7.51 0.99 -0.97
N VAL A 27 -6.62 1.35 -1.90
CA VAL A 27 -5.49 2.21 -1.57
C VAL A 27 -5.95 3.47 -0.85
N LEU A 28 -7.07 4.02 -1.30
CA LEU A 28 -7.62 5.23 -0.69
C LEU A 28 -7.71 5.09 0.82
N HIS A 29 -8.42 4.06 1.28
CA HIS A 29 -8.59 3.82 2.70
C HIS A 29 -7.23 3.60 3.38
N ILE A 30 -6.29 3.02 2.64
CA ILE A 30 -4.96 2.76 3.16
C ILE A 30 -4.22 4.05 3.47
N LEU A 31 -4.54 5.10 2.72
CA LEU A 31 -3.91 6.41 2.91
C LEU A 31 -4.24 6.97 4.29
N LYS A 32 -3.20 7.39 5.01
CA LYS A 32 -3.37 7.94 6.35
C LYS A 32 -4.21 7.02 7.22
N SER A 33 -3.82 5.74 7.26
CA SER A 33 -4.54 4.75 8.06
C SER A 33 -3.57 3.78 8.73
N ASN A 34 -2.66 3.22 7.93
CA ASN A 34 -1.67 2.28 8.44
C ASN A 34 -0.27 2.67 7.99
N PRO A 35 0.19 3.85 8.43
CA PRO A 35 1.52 4.36 8.09
C PRO A 35 2.64 3.58 8.76
N GLN A 36 2.26 2.74 9.71
CA GLN A 36 3.24 1.93 10.44
C GLN A 36 3.75 0.78 9.57
N LEU A 37 2.91 -0.24 9.40
CA LEU A 37 3.27 -1.41 8.60
C LEU A 37 3.18 -1.08 7.11
N MET A 38 2.16 -0.32 6.73
CA MET A 38 1.96 0.06 5.34
C MET A 38 2.71 1.34 5.03
N ALA A 39 3.76 1.62 5.79
CA ALA A 39 4.57 2.82 5.59
C ALA A 39 5.02 2.93 4.13
N ALA A 40 5.07 1.81 3.44
CA ALA A 40 5.49 1.78 2.05
C ALA A 40 4.60 2.69 1.19
N PHE A 41 3.32 2.37 1.13
CA PHE A 41 2.36 3.16 0.35
C PHE A 41 2.35 4.60 0.82
N ILE A 42 2.13 4.80 2.13
CA ILE A 42 2.08 6.14 2.70
C ILE A 42 3.34 6.92 2.35
N LYS A 43 4.48 6.47 2.87
CA LYS A 43 5.76 7.13 2.63
C LYS A 43 6.09 7.11 1.13
N GLN A 44 6.90 8.07 0.69
CA GLN A 44 7.29 8.16 -0.70
C GLN A 44 6.18 7.66 -1.62
N ARG A 45 4.97 8.14 -1.38
CA ARG A 45 3.82 7.74 -2.18
C ARG A 45 3.90 8.34 -3.58
N SER A 46 3.64 9.64 -3.67
CA SER A 46 3.68 10.33 -4.96
C SER A 46 3.97 11.82 -4.77
N GLN A 47 3.82 12.59 -5.84
CA GLN A 47 4.07 14.03 -5.80
C GLN A 47 2.80 14.81 -6.09
N GLN A 48 1.66 14.28 -5.65
CA GLN A 48 0.37 14.93 -5.88
C GLN A 48 0.01 15.84 -4.70
N GLN A 49 -0.95 16.73 -4.93
CA GLN A 49 -1.39 17.65 -3.90
C GLN A 49 -2.59 17.10 -3.13
N GLN A 50 -2.31 16.46 -2.00
CA GLN A 50 -3.36 15.87 -1.17
C GLN A 50 -3.50 16.63 0.14
N GLY A 1 -8.89 -6.14 15.28
CA GLY A 1 -7.80 -6.95 14.76
C GLY A 1 -6.48 -6.67 15.46
N SER A 2 -5.44 -7.41 15.08
CA SER A 2 -4.13 -7.24 15.68
C SER A 2 -3.14 -6.66 14.67
N ILE A 3 -2.94 -7.39 13.58
CA ILE A 3 -2.01 -6.94 12.54
C ILE A 3 -2.76 -6.65 11.23
N MET A 4 -2.34 -5.59 10.55
CA MET A 4 -2.97 -5.20 9.29
C MET A 4 -2.45 -6.07 8.14
N PRO A 5 -3.26 -6.18 7.08
CA PRO A 5 -2.91 -6.97 5.90
C PRO A 5 -1.78 -6.34 5.10
N PRO A 6 -0.88 -7.19 4.56
CA PRO A 6 0.26 -6.73 3.75
C PRO A 6 -0.17 -6.18 2.40
N ALA A 7 -0.99 -5.12 2.44
CA ALA A 7 -1.47 -4.49 1.22
C ALA A 7 -0.30 -4.06 0.33
N LEU A 8 0.85 -3.87 0.94
CA LEU A 8 2.05 -3.45 0.21
C LEU A 8 2.61 -4.61 -0.62
N GLN A 9 2.04 -5.79 -0.43
CA GLN A 9 2.49 -6.97 -1.17
C GLN A 9 2.49 -6.71 -2.67
N GLN A 10 1.31 -6.37 -3.21
CA GLN A 10 1.18 -6.10 -4.62
C GLN A 10 2.11 -4.97 -5.06
N LEU A 11 2.28 -3.99 -4.18
CA LEU A 11 3.14 -2.84 -4.47
C LEU A 11 4.58 -3.30 -4.73
N LEU A 12 5.07 -4.19 -3.88
CA LEU A 12 6.42 -4.71 -4.02
C LEU A 12 6.63 -5.34 -5.39
N GLN A 13 5.72 -6.23 -5.77
CA GLN A 13 5.79 -6.90 -7.05
C GLN A 13 5.64 -5.91 -8.20
N THR A 14 4.85 -4.86 -7.97
CA THR A 14 4.62 -3.84 -8.99
C THR A 14 5.92 -3.11 -9.34
N LEU A 15 6.89 -3.17 -8.44
CA LEU A 15 8.17 -2.52 -8.67
C LEU A 15 8.92 -3.16 -9.81
N LYS A 16 8.58 -4.42 -10.10
CA LYS A 16 9.21 -5.16 -11.19
C LYS A 16 8.20 -5.51 -12.27
N SER A 17 7.38 -6.54 -12.00
CA SER A 17 6.38 -6.98 -12.95
C SER A 17 4.99 -6.50 -12.53
N PRO A 18 4.05 -6.48 -13.49
CA PRO A 18 2.67 -6.05 -13.25
C PRO A 18 1.90 -7.03 -12.37
N ASN A 19 0.95 -6.51 -11.62
CA ASN A 19 0.13 -7.35 -10.73
C ASN A 19 -1.12 -6.60 -10.28
N SER A 20 -2.24 -7.33 -10.19
CA SER A 20 -3.51 -6.74 -9.79
C SER A 20 -3.45 -6.32 -8.31
N PRO A 21 -4.21 -5.26 -7.99
CA PRO A 21 -4.27 -4.73 -6.62
C PRO A 21 -5.00 -5.68 -5.66
N GLN A 22 -4.47 -6.89 -5.53
CA GLN A 22 -5.07 -7.88 -4.65
C GLN A 22 -5.03 -7.41 -3.21
N GLN A 23 -3.90 -7.62 -2.53
CA GLN A 23 -3.74 -7.22 -1.14
C GLN A 23 -3.83 -5.69 -1.00
N GLN A 24 -3.19 -4.99 -1.93
CA GLN A 24 -3.19 -3.53 -1.90
C GLN A 24 -4.62 -2.99 -1.97
N GLN A 25 -5.56 -3.85 -2.31
CA GLN A 25 -6.96 -3.46 -2.42
C GLN A 25 -7.38 -2.66 -1.19
N GLN A 26 -8.49 -1.94 -1.32
CA GLN A 26 -9.01 -1.12 -0.22
C GLN A 26 -8.05 0.03 0.09
N VAL A 27 -7.48 0.62 -0.94
CA VAL A 27 -6.55 1.74 -0.78
C VAL A 27 -7.15 2.82 0.11
N LEU A 28 -8.42 3.13 -0.12
CA LEU A 28 -9.12 4.15 0.65
C LEU A 28 -8.98 3.90 2.15
N HIS A 29 -9.36 2.70 2.57
CA HIS A 29 -9.27 2.33 3.98
C HIS A 29 -7.82 2.35 4.45
N ILE A 30 -6.90 2.02 3.56
CA ILE A 30 -5.49 2.01 3.90
C ILE A 30 -4.98 3.40 4.22
N LEU A 31 -5.52 4.39 3.52
CA LEU A 31 -5.12 5.78 3.74
C LEU A 31 -5.59 6.28 5.10
N LYS A 32 -4.64 6.75 5.91
CA LYS A 32 -4.94 7.25 7.24
C LYS A 32 -5.54 6.15 8.11
N SER A 33 -4.85 5.01 8.17
CA SER A 33 -5.31 3.88 8.97
C SER A 33 -4.13 3.12 9.57
N ASN A 34 -3.27 2.60 8.70
CA ASN A 34 -2.10 1.84 9.14
C ASN A 34 -0.82 2.48 8.60
N PRO A 35 -0.55 3.71 9.03
CA PRO A 35 0.65 4.46 8.62
C PRO A 35 1.92 3.87 9.20
N GLN A 36 1.78 3.02 10.22
CA GLN A 36 2.92 2.39 10.86
C GLN A 36 3.48 1.28 9.99
N LEU A 37 2.75 0.17 9.92
CA LEU A 37 3.18 -0.98 9.12
C LEU A 37 2.97 -0.72 7.63
N MET A 38 1.82 -0.14 7.29
CA MET A 38 1.51 0.16 5.91
C MET A 38 2.05 1.53 5.51
N ALA A 39 3.09 1.98 6.20
CA ALA A 39 3.70 3.27 5.92
C ALA A 39 4.04 3.41 4.45
N ALA A 40 4.30 2.28 3.79
CA ALA A 40 4.64 2.27 2.37
C ALA A 40 3.54 2.93 1.54
N PHE A 41 2.31 2.42 1.69
CA PHE A 41 1.18 2.96 0.94
C PHE A 41 0.98 4.44 1.26
N ILE A 42 0.73 4.74 2.54
CA ILE A 42 0.52 6.12 2.97
C ILE A 42 1.71 7.00 2.57
N LYS A 43 2.82 6.86 3.28
CA LYS A 43 4.02 7.64 3.00
C LYS A 43 4.52 7.38 1.58
N GLN A 44 5.37 8.26 1.09
CA GLN A 44 5.93 8.13 -0.24
C GLN A 44 4.94 7.43 -1.18
N ARG A 45 3.72 7.95 -1.22
CA ARG A 45 2.68 7.37 -2.07
C ARG A 45 2.96 7.66 -3.54
N SER A 46 2.88 8.93 -3.92
CA SER A 46 3.12 9.33 -5.31
C SER A 46 4.60 9.58 -5.54
N GLN A 47 4.92 10.10 -6.72
CA GLN A 47 6.31 10.39 -7.08
C GLN A 47 6.48 11.87 -7.41
N GLN A 48 5.48 12.44 -8.07
CA GLN A 48 5.52 13.85 -8.45
C GLN A 48 4.90 14.72 -7.37
N GLN A 49 5.11 16.04 -7.48
CA GLN A 49 4.56 16.98 -6.52
C GLN A 49 3.21 17.52 -6.99
N GLN A 50 2.25 17.55 -6.07
CA GLN A 50 0.91 18.03 -6.39
C GLN A 50 0.63 19.35 -5.67
N GLY A 1 -6.05 -7.79 16.85
CA GLY A 1 -4.81 -7.06 16.63
C GLY A 1 -5.07 -5.62 16.21
N SER A 2 -3.98 -4.88 15.99
CA SER A 2 -4.09 -3.48 15.58
C SER A 2 -3.08 -3.16 14.47
N ILE A 3 -2.93 -4.10 13.54
CA ILE A 3 -2.00 -3.92 12.42
C ILE A 3 -2.75 -3.85 11.10
N MET A 4 -2.29 -2.98 10.21
CA MET A 4 -2.91 -2.83 8.90
C MET A 4 -2.45 -3.93 7.95
N PRO A 5 -3.30 -4.24 6.96
CA PRO A 5 -3.01 -5.28 5.96
C PRO A 5 -1.89 -4.87 5.01
N PRO A 6 -0.96 -5.79 4.75
CA PRO A 6 0.18 -5.54 3.85
C PRO A 6 -0.25 -5.44 2.40
N ALA A 7 -1.08 -4.44 2.10
CA ALA A 7 -1.56 -4.24 0.74
C ALA A 7 -0.40 -4.10 -0.24
N LEU A 8 0.75 -3.70 0.28
CA LEU A 8 1.94 -3.53 -0.55
C LEU A 8 2.55 -4.89 -0.92
N GLN A 9 1.95 -5.95 -0.42
CA GLN A 9 2.43 -7.31 -0.68
C GLN A 9 2.53 -7.56 -2.19
N GLN A 10 1.39 -7.45 -2.88
CA GLN A 10 1.34 -7.67 -4.32
C GLN A 10 2.28 -6.70 -5.05
N LEU A 11 2.40 -5.49 -4.50
CA LEU A 11 3.26 -4.48 -5.10
C LEU A 11 4.71 -4.95 -5.16
N LEU A 12 5.18 -5.52 -4.05
CA LEU A 12 6.55 -6.02 -3.97
C LEU A 12 6.81 -7.06 -5.06
N GLN A 13 5.90 -8.01 -5.20
CA GLN A 13 6.04 -9.06 -6.21
C GLN A 13 5.91 -8.48 -7.61
N THR A 14 5.15 -7.41 -7.74
CA THR A 14 4.95 -6.76 -9.03
C THR A 14 6.26 -6.21 -9.57
N LEU A 15 7.22 -5.97 -8.68
CA LEU A 15 8.52 -5.44 -9.07
C LEU A 15 9.28 -6.45 -9.94
N LYS A 16 8.93 -7.72 -9.79
CA LYS A 16 9.57 -8.78 -10.55
C LYS A 16 8.58 -9.45 -11.50
N SER A 17 7.69 -10.27 -10.94
CA SER A 17 6.68 -10.97 -11.73
C SER A 17 5.31 -10.34 -11.56
N PRO A 18 4.41 -10.61 -12.51
CA PRO A 18 3.04 -10.07 -12.49
C PRO A 18 2.20 -10.70 -11.39
N ASN A 19 1.25 -9.93 -10.87
CA ASN A 19 0.38 -10.40 -9.80
C ASN A 19 -0.85 -9.50 -9.67
N SER A 20 -2.01 -10.12 -9.43
CA SER A 20 -3.25 -9.37 -9.28
C SER A 20 -3.25 -8.54 -8.00
N PRO A 21 -4.00 -7.44 -8.01
CA PRO A 21 -4.10 -6.55 -6.86
C PRO A 21 -4.86 -7.17 -5.69
N GLN A 22 -4.34 -8.29 -5.19
CA GLN A 22 -4.96 -8.99 -4.07
C GLN A 22 -5.00 -8.11 -2.83
N GLN A 23 -3.90 -8.13 -2.07
CA GLN A 23 -3.81 -7.33 -0.85
C GLN A 23 -3.88 -5.84 -1.17
N GLN A 24 -3.19 -5.43 -2.23
CA GLN A 24 -3.18 -4.02 -2.64
C GLN A 24 -4.60 -3.52 -2.91
N GLN A 25 -5.54 -4.47 -3.03
CA GLN A 25 -6.93 -4.11 -3.28
C GLN A 25 -7.39 -2.99 -2.36
N GLN A 26 -8.44 -2.28 -2.77
CA GLN A 26 -8.97 -1.18 -1.98
C GLN A 26 -7.91 -0.11 -1.75
N VAL A 27 -7.16 0.19 -2.80
CA VAL A 27 -6.11 1.21 -2.72
C VAL A 27 -6.65 2.52 -2.15
N LEU A 28 -7.85 2.89 -2.57
CA LEU A 28 -8.48 4.12 -2.10
C LEU A 28 -8.48 4.18 -0.58
N HIS A 29 -8.90 3.09 0.05
CA HIS A 29 -8.94 3.02 1.51
C HIS A 29 -7.55 3.18 2.11
N ILE A 30 -6.54 2.69 1.38
CA ILE A 30 -5.16 2.78 1.85
C ILE A 30 -4.69 4.23 1.90
N LEU A 31 -5.18 5.04 0.96
CA LEU A 31 -4.82 6.46 0.90
C LEU A 31 -5.31 7.19 2.15
N LYS A 32 -4.40 7.95 2.78
CA LYS A 32 -4.74 8.70 3.98
C LYS A 32 -5.41 7.81 5.01
N SER A 33 -4.77 6.69 5.33
CA SER A 33 -5.30 5.74 6.31
C SER A 33 -4.17 5.09 7.10
N ASN A 34 -3.33 4.34 6.40
CA ASN A 34 -2.20 3.65 7.03
C ASN A 34 -0.88 4.06 6.39
N PRO A 35 -0.55 5.36 6.51
CA PRO A 35 0.68 5.92 5.96
C PRO A 35 1.93 5.43 6.71
N GLN A 36 1.71 4.84 7.88
CA GLN A 36 2.81 4.34 8.69
C GLN A 36 3.39 3.06 8.10
N LEU A 37 2.63 1.97 8.20
CA LEU A 37 3.06 0.68 7.67
C LEU A 37 2.99 0.67 6.14
N MET A 38 1.91 1.21 5.60
CA MET A 38 1.72 1.26 4.16
C MET A 38 2.35 2.53 3.58
N ALA A 39 3.35 3.07 4.28
CA ALA A 39 4.03 4.27 3.84
C ALA A 39 4.46 4.15 2.38
N ALA A 40 4.65 2.91 1.92
CA ALA A 40 5.07 2.66 0.55
C ALA A 40 4.10 3.29 -0.44
N PHE A 41 2.87 2.79 -0.46
CA PHE A 41 1.84 3.30 -1.36
C PHE A 41 1.59 4.79 -1.12
N ILE A 42 1.38 5.15 0.14
CA ILE A 42 1.14 6.54 0.51
C ILE A 42 2.24 7.45 -0.03
N LYS A 43 3.46 7.21 0.42
CA LYS A 43 4.61 8.00 -0.02
C LYS A 43 4.79 7.92 -1.53
N GLN A 44 4.41 6.78 -2.10
CA GLN A 44 4.53 6.57 -3.53
C GLN A 44 3.67 7.56 -4.31
N ARG A 45 2.65 8.09 -3.64
CA ARG A 45 1.75 9.06 -4.26
C ARG A 45 2.47 10.37 -4.55
N SER A 46 2.79 11.11 -3.49
CA SER A 46 3.48 12.39 -3.63
C SER A 46 4.27 12.72 -2.36
N GLN A 47 4.84 13.92 -2.34
CA GLN A 47 5.63 14.35 -1.19
C GLN A 47 5.02 15.60 -0.56
N GLN A 48 3.73 15.52 -0.21
CA GLN A 48 3.04 16.64 0.40
C GLN A 48 3.17 16.61 1.91
N GLN A 49 2.81 17.70 2.56
CA GLN A 49 2.87 17.80 4.01
C GLN A 49 1.55 17.41 4.65
N GLN A 50 1.61 16.59 5.71
CA GLN A 50 0.42 16.15 6.40
C GLN A 50 0.26 16.88 7.73
N GLY A 1 -2.85 -4.87 20.90
CA GLY A 1 -3.15 -4.21 19.64
C GLY A 1 -3.28 -5.19 18.49
N SER A 2 -3.07 -4.70 17.27
CA SER A 2 -3.17 -5.55 16.08
C SER A 2 -2.31 -4.99 14.95
N ILE A 3 -2.07 -5.83 13.94
CA ILE A 3 -1.26 -5.43 12.80
C ILE A 3 -2.09 -5.39 11.52
N MET A 4 -1.82 -4.40 10.68
CA MET A 4 -2.55 -4.25 9.42
C MET A 4 -1.99 -5.20 8.36
N PRO A 5 -2.83 -5.55 7.37
CA PRO A 5 -2.43 -6.44 6.28
C PRO A 5 -1.44 -5.80 5.33
N PRO A 6 -0.41 -6.56 4.95
CA PRO A 6 0.64 -6.08 4.03
C PRO A 6 0.12 -5.89 2.61
N ALA A 7 -0.79 -4.94 2.44
CA ALA A 7 -1.36 -4.66 1.13
C ALA A 7 -0.26 -4.37 0.10
N LEU A 8 0.89 -3.94 0.59
CA LEU A 8 2.02 -3.63 -0.28
C LEU A 8 2.70 -4.90 -0.76
N GLN A 9 2.16 -6.05 -0.36
CA GLN A 9 2.72 -7.34 -0.75
C GLN A 9 2.81 -7.46 -2.27
N GLN A 10 1.65 -7.42 -2.93
CA GLN A 10 1.59 -7.53 -4.39
C GLN A 10 2.37 -6.40 -5.04
N LEU A 11 2.44 -5.26 -4.35
CA LEU A 11 3.15 -4.09 -4.87
C LEU A 11 4.63 -4.41 -5.08
N LEU A 12 5.26 -4.98 -4.05
CA LEU A 12 6.67 -5.32 -4.11
C LEU A 12 6.94 -6.28 -5.28
N GLN A 13 6.07 -7.27 -5.45
CA GLN A 13 6.22 -8.23 -6.53
C GLN A 13 6.07 -7.56 -7.89
N THR A 14 5.30 -6.47 -7.92
CA THR A 14 5.07 -5.74 -9.16
C THR A 14 6.37 -5.14 -9.70
N LEU A 15 7.36 -5.01 -8.82
CA LEU A 15 8.65 -4.46 -9.21
C LEU A 15 9.37 -5.38 -10.20
N LYS A 16 9.00 -6.66 -10.19
CA LYS A 16 9.60 -7.63 -11.09
C LYS A 16 8.57 -8.17 -12.07
N SER A 17 7.74 -9.09 -11.59
CA SER A 17 6.70 -9.69 -12.43
C SER A 17 5.33 -9.15 -12.07
N PRO A 18 4.40 -9.19 -13.04
CA PRO A 18 3.03 -8.71 -12.84
C PRO A 18 2.23 -9.60 -11.90
N ASN A 19 1.24 -9.02 -11.23
CA ASN A 19 0.39 -9.76 -10.30
C ASN A 19 -0.86 -8.97 -9.95
N SER A 20 -1.95 -9.69 -9.69
CA SER A 20 -3.22 -9.06 -9.34
C SER A 20 -3.14 -8.38 -7.98
N PRO A 21 -3.99 -7.38 -7.77
CA PRO A 21 -4.05 -6.62 -6.51
C PRO A 21 -4.58 -7.46 -5.36
N GLN A 22 -3.86 -8.52 -5.00
CA GLN A 22 -4.27 -9.40 -3.91
C GLN A 22 -4.39 -8.62 -2.60
N GLN A 23 -3.29 -8.54 -1.87
CA GLN A 23 -3.27 -7.83 -0.59
C GLN A 23 -3.55 -6.35 -0.79
N GLN A 24 -2.97 -5.78 -1.84
CA GLN A 24 -3.15 -4.36 -2.13
C GLN A 24 -4.63 -4.04 -2.31
N GLN A 25 -5.45 -5.07 -2.45
CA GLN A 25 -6.89 -4.89 -2.63
C GLN A 25 -7.44 -3.91 -1.61
N GLN A 26 -8.56 -3.27 -1.95
CA GLN A 26 -9.19 -2.29 -1.08
C GLN A 26 -8.29 -1.08 -0.88
N VAL A 27 -7.69 -0.62 -1.97
CA VAL A 27 -6.80 0.54 -1.92
C VAL A 27 -7.48 1.72 -1.24
N LEU A 28 -8.72 1.97 -1.62
CA LEU A 28 -9.49 3.08 -1.05
C LEU A 28 -9.48 3.01 0.48
N HIS A 29 -9.86 1.87 1.02
CA HIS A 29 -9.89 1.68 2.46
C HIS A 29 -8.50 1.84 3.07
N ILE A 30 -7.48 1.45 2.31
CA ILE A 30 -6.10 1.56 2.76
C ILE A 30 -5.68 3.02 2.92
N LEU A 31 -6.31 3.90 2.14
CA LEU A 31 -6.01 5.32 2.20
C LEU A 31 -6.37 5.90 3.55
N LYS A 32 -5.44 6.62 4.16
CA LYS A 32 -5.67 7.23 5.46
C LYS A 32 -6.05 6.18 6.50
N SER A 33 -5.67 4.93 6.24
CA SER A 33 -5.98 3.84 7.15
C SER A 33 -4.74 3.43 7.94
N ASN A 34 -3.67 3.09 7.22
CA ASN A 34 -2.43 2.67 7.86
C ASN A 34 -1.23 3.36 7.21
N PRO A 35 -1.13 4.69 7.40
CA PRO A 35 -0.04 5.49 6.85
C PRO A 35 1.30 5.19 7.51
N GLN A 36 1.24 4.66 8.74
CA GLN A 36 2.45 4.34 9.48
C GLN A 36 3.12 3.08 8.92
N LEU A 37 2.42 1.95 9.05
CA LEU A 37 2.95 0.68 8.55
C LEU A 37 2.83 0.59 7.04
N MET A 38 1.64 0.91 6.53
CA MET A 38 1.39 0.86 5.10
C MET A 38 1.77 2.19 4.44
N ALA A 39 2.80 2.83 4.97
CA ALA A 39 3.26 4.10 4.44
C ALA A 39 3.61 3.99 2.96
N ALA A 40 3.74 2.76 2.47
CA ALA A 40 4.06 2.50 1.07
C ALA A 40 3.09 3.23 0.15
N PHE A 41 1.86 2.71 0.06
CA PHE A 41 0.84 3.30 -0.79
C PHE A 41 0.58 4.75 -0.40
N ILE A 42 0.44 4.99 0.90
CA ILE A 42 0.19 6.33 1.42
C ILE A 42 1.23 7.32 0.92
N LYS A 43 2.48 7.12 1.32
CA LYS A 43 3.57 7.99 0.90
C LYS A 43 3.71 7.98 -0.62
N GLN A 44 3.42 6.84 -1.24
CA GLN A 44 3.53 6.72 -2.69
C GLN A 44 2.55 7.66 -3.39
N ARG A 45 1.26 7.50 -3.08
CA ARG A 45 0.22 8.34 -3.68
C ARG A 45 0.33 9.77 -3.18
N SER A 46 0.90 9.94 -1.98
CA SER A 46 1.05 11.26 -1.39
C SER A 46 2.30 11.97 -1.93
N GLN A 47 2.16 13.24 -2.26
CA GLN A 47 3.28 14.02 -2.79
C GLN A 47 3.59 15.21 -1.88
N GLN A 48 4.87 15.40 -1.61
CA GLN A 48 5.31 16.51 -0.76
C GLN A 48 5.59 17.76 -1.58
N GLN A 49 4.86 18.83 -1.27
CA GLN A 49 5.02 20.09 -1.99
C GLN A 49 5.99 21.01 -1.26
N GLN A 50 7.19 21.17 -1.82
CA GLN A 50 8.21 22.02 -1.22
C GLN A 50 8.60 21.50 0.16
N GLY A 1 -5.86 -1.48 19.60
CA GLY A 1 -4.88 -1.63 18.54
C GLY A 1 -5.52 -1.98 17.21
N SER A 2 -4.70 -1.98 16.15
CA SER A 2 -5.20 -2.29 14.82
C SER A 2 -4.04 -2.38 13.82
N ILE A 3 -4.05 -3.42 13.00
CA ILE A 3 -3.01 -3.62 12.00
C ILE A 3 -3.57 -3.52 10.59
N MET A 4 -2.82 -2.88 9.70
CA MET A 4 -3.24 -2.71 8.31
C MET A 4 -3.02 -3.99 7.52
N PRO A 5 -3.79 -4.16 6.44
CA PRO A 5 -3.70 -5.34 5.57
C PRO A 5 -2.40 -5.37 4.78
N PRO A 6 -1.96 -6.59 4.42
CA PRO A 6 -0.72 -6.79 3.66
C PRO A 6 -0.85 -6.32 2.22
N ALA A 7 -1.38 -5.11 2.05
CA ALA A 7 -1.55 -4.53 0.72
C ALA A 7 -0.22 -4.47 -0.03
N LEU A 8 0.87 -4.47 0.72
CA LEU A 8 2.20 -4.40 0.13
C LEU A 8 2.57 -5.73 -0.54
N GLN A 9 1.74 -6.74 -0.31
CA GLN A 9 1.97 -8.06 -0.90
C GLN A 9 2.13 -7.96 -2.41
N GLN A 10 1.09 -7.49 -3.08
CA GLN A 10 1.11 -7.35 -4.53
C GLN A 10 2.25 -6.43 -4.97
N LEU A 11 2.47 -5.37 -4.21
CA LEU A 11 3.53 -4.41 -4.52
C LEU A 11 4.89 -5.09 -4.53
N LEU A 12 5.18 -5.86 -3.48
CA LEU A 12 6.45 -6.57 -3.37
C LEU A 12 6.66 -7.49 -4.56
N GLN A 13 5.62 -8.23 -4.93
CA GLN A 13 5.70 -9.14 -6.06
C GLN A 13 5.89 -8.38 -7.37
N THR A 14 5.33 -7.18 -7.42
CA THR A 14 5.44 -6.35 -8.62
C THR A 14 6.89 -6.00 -8.92
N LEU A 15 7.74 -6.07 -7.91
CA LEU A 15 9.16 -5.77 -8.07
C LEU A 15 9.83 -6.79 -8.98
N LYS A 16 9.24 -7.97 -9.08
CA LYS A 16 9.78 -9.03 -9.93
C LYS A 16 8.81 -9.37 -11.06
N SER A 17 7.77 -10.12 -10.74
CA SER A 17 6.78 -10.52 -11.73
C SER A 17 5.48 -9.75 -11.55
N PRO A 18 4.66 -9.71 -12.60
CA PRO A 18 3.37 -9.00 -12.58
C PRO A 18 2.35 -9.70 -11.68
N ASN A 19 1.42 -8.91 -11.13
CA ASN A 19 0.39 -9.46 -10.26
C ASN A 19 -0.76 -8.46 -10.10
N SER A 20 -1.98 -8.99 -10.02
CA SER A 20 -3.16 -8.15 -9.87
C SER A 20 -3.18 -7.47 -8.50
N PRO A 21 -3.81 -6.30 -8.42
CA PRO A 21 -3.91 -5.53 -7.18
C PRO A 21 -4.83 -6.20 -6.16
N GLN A 22 -4.50 -7.44 -5.81
CA GLN A 22 -5.29 -8.19 -4.84
C GLN A 22 -5.26 -7.52 -3.48
N GLN A 23 -4.20 -7.76 -2.72
CA GLN A 23 -4.05 -7.18 -1.40
C GLN A 23 -3.94 -5.66 -1.48
N GLN A 24 -3.16 -5.18 -2.44
CA GLN A 24 -2.97 -3.74 -2.63
C GLN A 24 -4.31 -3.04 -2.84
N GLN A 25 -5.33 -3.83 -3.14
CA GLN A 25 -6.68 -3.28 -3.37
C GLN A 25 -7.06 -2.29 -2.27
N GLN A 26 -8.07 -1.48 -2.55
CA GLN A 26 -8.54 -0.49 -1.58
C GLN A 26 -7.48 0.57 -1.34
N VAL A 27 -6.79 0.98 -2.40
CA VAL A 27 -5.76 2.00 -2.31
C VAL A 27 -6.26 3.24 -1.56
N LEU A 28 -7.49 3.62 -1.84
CA LEU A 28 -8.10 4.79 -1.20
C LEU A 28 -8.00 4.68 0.32
N HIS A 29 -8.50 3.58 0.86
CA HIS A 29 -8.46 3.35 2.30
C HIS A 29 -7.02 3.31 2.81
N ILE A 30 -6.12 2.79 1.99
CA ILE A 30 -4.72 2.69 2.35
C ILE A 30 -4.09 4.07 2.51
N LEU A 31 -4.37 4.95 1.55
CA LEU A 31 -3.82 6.31 1.58
C LEU A 31 -4.38 7.08 2.78
N LYS A 32 -3.53 7.90 3.38
CA LYS A 32 -3.93 8.70 4.54
C LYS A 32 -4.51 7.82 5.63
N SER A 33 -3.91 6.66 5.83
CA SER A 33 -4.37 5.72 6.86
C SER A 33 -3.19 4.96 7.47
N ASN A 34 -2.40 4.33 6.61
CA ASN A 34 -1.23 3.57 7.07
C ASN A 34 0.05 4.09 6.42
N PRO A 35 0.38 5.36 6.70
CA PRO A 35 1.58 5.99 6.15
C PRO A 35 2.86 5.42 6.74
N GLN A 36 2.83 5.13 8.04
CA GLN A 36 3.99 4.57 8.72
C GLN A 36 4.21 3.11 8.33
N LEU A 37 3.14 2.32 8.38
CA LEU A 37 3.21 0.91 8.03
C LEU A 37 3.26 0.73 6.52
N MET A 38 2.22 1.19 5.84
CA MET A 38 2.15 1.08 4.38
C MET A 38 2.87 2.25 3.71
N ALA A 39 3.97 2.68 4.31
CA ALA A 39 4.75 3.78 3.77
C ALA A 39 5.10 3.54 2.30
N ALA A 40 5.07 2.28 1.89
CA ALA A 40 5.39 1.92 0.52
C ALA A 40 4.52 2.70 -0.47
N PHE A 41 3.24 2.35 -0.51
CA PHE A 41 2.30 3.03 -1.42
C PHE A 41 2.23 4.52 -1.12
N ILE A 42 2.09 4.86 0.16
CA ILE A 42 2.02 6.26 0.57
C ILE A 42 3.20 7.06 0.03
N LYS A 43 4.40 6.71 0.48
CA LYS A 43 5.61 7.39 0.04
C LYS A 43 5.77 7.27 -1.48
N GLN A 44 5.26 6.19 -2.05
CA GLN A 44 5.34 5.97 -3.48
C GLN A 44 4.59 7.05 -4.25
N ARG A 45 3.60 7.65 -3.60
CA ARG A 45 2.80 8.70 -4.22
C ARG A 45 3.65 9.95 -4.46
N SER A 46 4.56 10.24 -3.53
CA SER A 46 5.42 11.41 -3.64
C SER A 46 4.60 12.68 -3.61
N GLN A 47 3.53 12.68 -2.81
CA GLN A 47 2.66 13.85 -2.69
C GLN A 47 2.57 14.31 -1.24
N GLN A 48 2.05 15.51 -1.03
CA GLN A 48 1.91 16.06 0.32
C GLN A 48 0.57 15.68 0.93
N GLN A 49 0.59 14.64 1.77
CA GLN A 49 -0.63 14.17 2.42
C GLN A 49 -0.80 14.83 3.79
N GLN A 50 -2.04 15.00 4.20
CA GLN A 50 -2.34 15.61 5.49
C GLN A 50 -1.80 17.04 5.56
N GLY A 1 -5.34 -9.77 19.34
CA GLY A 1 -4.70 -8.76 18.52
C GLY A 1 -5.26 -8.69 17.12
N SER A 2 -5.02 -7.57 16.44
CA SER A 2 -5.51 -7.38 15.09
C SER A 2 -4.43 -6.77 14.19
N ILE A 3 -4.16 -7.43 13.07
CA ILE A 3 -3.15 -6.96 12.14
C ILE A 3 -3.77 -6.57 10.81
N MET A 4 -3.27 -5.49 10.21
CA MET A 4 -3.79 -5.01 8.93
C MET A 4 -3.20 -5.82 7.78
N PRO A 5 -3.93 -5.86 6.66
CA PRO A 5 -3.50 -6.60 5.46
C PRO A 5 -2.30 -5.95 4.78
N PRO A 6 -1.36 -6.78 4.32
CA PRO A 6 -0.15 -6.31 3.63
C PRO A 6 -0.45 -5.73 2.26
N ALA A 7 -1.14 -4.60 2.24
CA ALA A 7 -1.50 -3.93 0.99
C ALA A 7 -0.25 -3.66 0.15
N LEU A 8 0.90 -3.59 0.81
CA LEU A 8 2.16 -3.33 0.12
C LEU A 8 2.62 -4.55 -0.66
N GLN A 9 1.89 -5.66 -0.49
CA GLN A 9 2.23 -6.90 -1.18
C GLN A 9 2.30 -6.69 -2.68
N GLN A 10 1.20 -6.24 -3.27
CA GLN A 10 1.14 -5.99 -4.70
C GLN A 10 2.21 -5.01 -5.14
N LEU A 11 2.50 -4.04 -4.28
CA LEU A 11 3.53 -3.03 -4.57
C LEU A 11 4.89 -3.68 -4.78
N LEU A 12 5.25 -4.57 -3.86
CA LEU A 12 6.53 -5.27 -3.94
C LEU A 12 6.67 -6.01 -5.28
N GLN A 13 5.63 -6.76 -5.63
CA GLN A 13 5.63 -7.52 -6.87
C GLN A 13 5.65 -6.59 -8.08
N THR A 14 5.05 -5.41 -7.92
CA THR A 14 5.00 -4.43 -9.01
C THR A 14 6.40 -3.95 -9.38
N LEU A 15 7.33 -4.09 -8.45
CA LEU A 15 8.71 -3.67 -8.68
C LEU A 15 9.37 -4.53 -9.75
N LYS A 16 8.84 -5.74 -9.94
CA LYS A 16 9.37 -6.66 -10.94
C LYS A 16 8.34 -6.91 -12.04
N SER A 17 7.35 -7.74 -11.75
CA SER A 17 6.32 -8.07 -12.72
C SER A 17 5.02 -7.33 -12.40
N PRO A 18 4.15 -7.21 -13.40
CA PRO A 18 2.86 -6.52 -13.26
C PRO A 18 1.89 -7.30 -12.38
N ASN A 19 1.03 -6.58 -11.67
CA ASN A 19 0.05 -7.20 -10.78
C ASN A 19 -1.05 -6.21 -10.41
N SER A 20 -2.29 -6.69 -10.39
CA SER A 20 -3.43 -5.85 -10.05
C SER A 20 -3.37 -5.43 -8.58
N PRO A 21 -3.92 -4.24 -8.28
CA PRO A 21 -3.94 -3.70 -6.92
C PRO A 21 -4.88 -4.48 -6.00
N GLN A 22 -4.60 -5.77 -5.84
CA GLN A 22 -5.42 -6.62 -4.98
C GLN A 22 -5.44 -6.10 -3.55
N GLN A 23 -4.45 -6.52 -2.76
CA GLN A 23 -4.35 -6.10 -1.37
C GLN A 23 -4.13 -4.59 -1.28
N GLN A 24 -3.30 -4.06 -2.18
CA GLN A 24 -2.99 -2.64 -2.19
C GLN A 24 -4.26 -1.81 -2.38
N GLN A 25 -5.35 -2.48 -2.76
CA GLN A 25 -6.62 -1.80 -2.98
C GLN A 25 -6.94 -0.86 -1.83
N GLN A 26 -7.78 0.12 -2.09
CA GLN A 26 -8.18 1.10 -1.08
C GLN A 26 -6.98 1.95 -0.65
N VAL A 27 -6.17 2.36 -1.62
CA VAL A 27 -5.00 3.17 -1.33
C VAL A 27 -5.36 4.41 -0.52
N LEU A 28 -6.45 5.07 -0.90
CA LEU A 28 -6.91 6.26 -0.20
C LEU A 28 -7.04 5.99 1.29
N HIS A 29 -7.72 4.91 1.64
CA HIS A 29 -7.91 4.54 3.04
C HIS A 29 -6.57 4.28 3.72
N ILE A 30 -5.62 3.75 2.96
CA ILE A 30 -4.30 3.45 3.49
C ILE A 30 -3.56 4.72 3.89
N LEU A 31 -3.82 5.81 3.17
CA LEU A 31 -3.19 7.09 3.45
C LEU A 31 -3.58 7.60 4.83
N LYS A 32 -2.60 7.65 5.73
CA LYS A 32 -2.84 8.12 7.09
C LYS A 32 -3.84 7.22 7.81
N SER A 33 -3.50 5.95 7.92
CA SER A 33 -4.37 4.98 8.59
C SER A 33 -3.55 3.88 9.27
N ASN A 34 -2.68 3.24 8.50
CA ASN A 34 -1.84 2.17 9.02
C ASN A 34 -0.36 2.49 8.80
N PRO A 35 0.12 3.56 9.45
CA PRO A 35 1.52 3.99 9.34
C PRO A 35 2.48 3.03 10.03
N GLN A 36 1.93 2.17 10.89
CA GLN A 36 2.74 1.19 11.60
C GLN A 36 3.16 0.05 10.69
N LEU A 37 2.22 -0.83 10.38
CA LEU A 37 2.49 -1.97 9.50
C LEU A 37 2.59 -1.53 8.05
N MET A 38 1.66 -0.68 7.62
CA MET A 38 1.65 -0.19 6.25
C MET A 38 2.52 1.07 6.12
N ALA A 39 3.56 1.15 6.95
CA ALA A 39 4.47 2.29 6.93
C ALA A 39 5.05 2.49 5.53
N ALA A 40 5.01 1.45 4.72
CA ALA A 40 5.54 1.52 3.36
C ALA A 40 4.85 2.62 2.56
N PHE A 41 3.52 2.60 2.56
CA PHE A 41 2.74 3.59 1.84
C PHE A 41 3.02 4.99 2.37
N ILE A 42 2.87 5.16 3.68
CA ILE A 42 3.10 6.44 4.32
C ILE A 42 4.53 6.92 4.11
N LYS A 43 5.49 6.12 4.55
CA LYS A 43 6.90 6.45 4.40
C LYS A 43 7.25 6.71 2.94
N GLN A 44 6.41 6.20 2.04
CA GLN A 44 6.64 6.37 0.61
C GLN A 44 5.39 6.02 -0.18
N ARG A 45 4.55 7.01 -0.45
CA ARG A 45 3.32 6.80 -1.20
C ARG A 45 3.61 6.59 -2.68
N SER A 46 4.52 7.40 -3.21
CA SER A 46 4.89 7.31 -4.63
C SER A 46 3.65 7.38 -5.51
N GLN A 47 2.75 8.30 -5.20
CA GLN A 47 1.51 8.45 -5.97
C GLN A 47 1.42 9.85 -6.57
N GLN A 48 0.73 9.97 -7.70
CA GLN A 48 0.57 11.26 -8.36
C GLN A 48 -0.70 11.95 -7.90
N GLN A 49 -0.76 13.26 -8.10
CA GLN A 49 -1.93 14.05 -7.71
C GLN A 49 -2.92 14.18 -8.87
N GLN A 50 -4.12 13.63 -8.67
CA GLN A 50 -5.15 13.69 -9.70
C GLN A 50 -4.69 12.99 -10.98
N GLY A 1 -8.61 -9.03 14.18
CA GLY A 1 -7.34 -8.53 14.65
C GLY A 1 -7.23 -7.02 14.55
N SER A 2 -6.06 -6.49 14.91
CA SER A 2 -5.83 -5.05 14.87
C SER A 2 -4.68 -4.71 13.94
N ILE A 3 -4.57 -5.45 12.84
CA ILE A 3 -3.51 -5.23 11.86
C ILE A 3 -4.09 -4.77 10.53
N MET A 4 -3.39 -3.82 9.89
CA MET A 4 -3.84 -3.30 8.61
C MET A 4 -3.44 -4.23 7.47
N PRO A 5 -4.20 -4.18 6.36
CA PRO A 5 -3.94 -5.02 5.18
C PRO A 5 -2.67 -4.63 4.45
N PRO A 6 -1.81 -5.62 4.16
CA PRO A 6 -0.55 -5.40 3.46
C PRO A 6 -0.75 -5.02 2.00
N ALA A 7 -1.32 -3.84 1.78
CA ALA A 7 -1.56 -3.35 0.43
C ALA A 7 -0.28 -3.34 -0.39
N LEU A 8 0.85 -3.27 0.29
CA LEU A 8 2.16 -3.26 -0.38
C LEU A 8 2.49 -4.63 -0.95
N GLN A 9 1.66 -5.62 -0.62
CA GLN A 9 1.87 -6.98 -1.12
C GLN A 9 1.99 -7.00 -2.63
N GLN A 10 0.96 -6.51 -3.32
CA GLN A 10 0.95 -6.47 -4.77
C GLN A 10 2.18 -5.72 -5.30
N LEU A 11 2.53 -4.63 -4.63
CA LEU A 11 3.68 -3.82 -5.03
C LEU A 11 4.95 -4.65 -5.01
N LEU A 12 5.12 -5.45 -3.96
CA LEU A 12 6.30 -6.30 -3.83
C LEU A 12 6.42 -7.28 -5.00
N GLN A 13 5.31 -7.96 -5.28
CA GLN A 13 5.28 -8.94 -6.37
C GLN A 13 5.46 -8.24 -7.72
N THR A 14 5.06 -6.97 -7.79
CA THR A 14 5.17 -6.20 -9.02
C THR A 14 6.62 -6.04 -9.43
N LEU A 15 7.53 -6.17 -8.48
CA LEU A 15 8.96 -6.04 -8.75
C LEU A 15 9.45 -7.19 -9.63
N LYS A 16 8.71 -8.29 -9.63
CA LYS A 16 9.07 -9.45 -10.43
C LYS A 16 8.04 -9.68 -11.53
N SER A 17 6.89 -10.24 -11.16
CA SER A 17 5.83 -10.51 -12.11
C SER A 17 4.61 -9.64 -11.84
N PRO A 18 3.76 -9.47 -12.87
CA PRO A 18 2.54 -8.67 -12.75
C PRO A 18 1.49 -9.31 -11.85
N ASN A 19 0.62 -8.47 -11.29
CA ASN A 19 -0.43 -8.96 -10.40
C ASN A 19 -1.52 -7.90 -10.20
N SER A 20 -2.75 -8.35 -10.04
CA SER A 20 -3.87 -7.43 -9.84
C SER A 20 -3.74 -6.69 -8.52
N PRO A 21 -4.24 -5.44 -8.48
CA PRO A 21 -4.19 -4.61 -7.28
C PRO A 21 -5.12 -5.11 -6.19
N GLN A 22 -4.90 -6.34 -5.74
CA GLN A 22 -5.72 -6.94 -4.70
C GLN A 22 -5.66 -6.11 -3.41
N GLN A 23 -4.67 -6.40 -2.57
CA GLN A 23 -4.51 -5.68 -1.32
C GLN A 23 -4.20 -4.21 -1.57
N GLN A 24 -3.37 -3.95 -2.57
CA GLN A 24 -2.99 -2.58 -2.92
C GLN A 24 -4.22 -1.74 -3.23
N GLN A 25 -5.35 -2.41 -3.45
CA GLN A 25 -6.60 -1.72 -3.77
C GLN A 25 -6.84 -0.56 -2.81
N GLN A 26 -7.55 0.45 -3.28
CA GLN A 26 -7.86 1.62 -2.47
C GLN A 26 -6.57 2.30 -2.00
N VAL A 27 -5.75 2.72 -2.95
CA VAL A 27 -4.49 3.39 -2.64
C VAL A 27 -4.70 4.53 -1.67
N LEU A 28 -5.72 5.34 -1.94
CA LEU A 28 -6.04 6.49 -1.08
C LEU A 28 -6.22 6.05 0.37
N HIS A 29 -6.84 4.90 0.55
CA HIS A 29 -7.08 4.36 1.89
C HIS A 29 -5.77 4.13 2.62
N ILE A 30 -4.79 3.56 1.92
CA ILE A 30 -3.49 3.29 2.51
C ILE A 30 -2.76 4.59 2.87
N LEU A 31 -2.98 5.63 2.06
CA LEU A 31 -2.36 6.92 2.30
C LEU A 31 -2.83 7.53 3.62
N LYS A 32 -1.93 8.20 4.31
CA LYS A 32 -2.24 8.83 5.59
C LYS A 32 -3.19 7.95 6.40
N SER A 33 -2.81 6.69 6.58
CA SER A 33 -3.63 5.75 7.34
C SER A 33 -2.75 4.76 8.11
N ASN A 34 -1.89 4.06 7.38
CA ASN A 34 -1.00 3.08 7.99
C ASN A 34 0.46 3.43 7.69
N PRO A 35 0.91 4.58 8.18
CA PRO A 35 2.29 5.05 7.99
C PRO A 35 3.30 4.21 8.77
N GLN A 36 2.84 3.59 9.85
CA GLN A 36 3.71 2.76 10.68
C GLN A 36 3.99 1.42 10.01
N LEU A 37 2.96 0.59 9.91
CA LEU A 37 3.09 -0.72 9.29
C LEU A 37 3.22 -0.59 7.77
N MET A 38 2.30 0.14 7.16
CA MET A 38 2.31 0.34 5.73
C MET A 38 3.19 1.54 5.34
N ALA A 39 4.27 1.73 6.11
CA ALA A 39 5.19 2.83 5.86
C ALA A 39 5.67 2.83 4.41
N ALA A 40 5.61 1.66 3.77
CA ALA A 40 6.04 1.52 2.39
C ALA A 40 5.26 2.47 1.48
N PHE A 41 3.94 2.27 1.42
CA PHE A 41 3.08 3.10 0.59
C PHE A 41 3.22 4.58 0.97
N ILE A 42 3.03 4.86 2.25
CA ILE A 42 3.13 6.23 2.75
C ILE A 42 4.44 6.87 2.33
N LYS A 43 5.55 6.24 2.72
CA LYS A 43 6.88 6.75 2.39
C LYS A 43 7.09 6.76 0.88
N GLN A 44 8.23 7.29 0.45
CA GLN A 44 8.56 7.37 -0.96
C GLN A 44 7.33 7.75 -1.79
N ARG A 45 6.50 8.61 -1.22
CA ARG A 45 5.28 9.07 -1.89
C ARG A 45 4.81 10.40 -1.33
N SER A 46 5.35 11.49 -1.84
CA SER A 46 4.98 12.83 -1.39
C SER A 46 3.72 13.31 -2.09
N GLN A 47 2.66 12.52 -1.99
CA GLN A 47 1.39 12.87 -2.62
C GLN A 47 0.27 12.97 -1.59
N GLN A 48 -0.65 13.90 -1.80
CA GLN A 48 -1.77 14.08 -0.88
C GLN A 48 -2.95 13.21 -1.27
N GLN A 49 -3.87 13.02 -0.34
CA GLN A 49 -5.05 12.20 -0.59
C GLN A 49 -6.22 13.05 -1.06
N GLN A 50 -6.85 12.64 -2.16
CA GLN A 50 -7.99 13.37 -2.70
C GLN A 50 -9.28 12.58 -2.55
N GLY A 1 -3.64 -6.47 18.32
CA GLY A 1 -3.80 -5.05 18.05
C GLY A 1 -4.71 -4.78 16.86
N SER A 2 -4.69 -3.54 16.37
CA SER A 2 -5.53 -3.16 15.24
C SER A 2 -4.68 -2.53 14.13
N ILE A 3 -3.95 -3.37 13.41
CA ILE A 3 -3.11 -2.90 12.32
C ILE A 3 -3.59 -3.42 10.98
N MET A 4 -3.49 -2.58 9.95
CA MET A 4 -3.92 -2.96 8.61
C MET A 4 -2.88 -3.84 7.93
N PRO A 5 -3.32 -4.63 6.94
CA PRO A 5 -2.42 -5.54 6.19
C PRO A 5 -1.47 -4.76 5.29
N PRO A 6 -0.34 -5.41 4.94
CA PRO A 6 0.69 -4.81 4.08
C PRO A 6 0.21 -4.67 2.64
N ALA A 7 -0.78 -3.81 2.42
CA ALA A 7 -1.32 -3.58 1.09
C ALA A 7 -0.23 -3.17 0.12
N LEU A 8 0.88 -2.66 0.65
CA LEU A 8 2.00 -2.23 -0.17
C LEU A 8 2.75 -3.44 -0.74
N GLN A 9 2.35 -4.63 -0.31
CA GLN A 9 2.99 -5.86 -0.78
C GLN A 9 2.99 -5.92 -2.31
N GLN A 10 1.80 -5.94 -2.88
CA GLN A 10 1.66 -6.01 -4.33
C GLN A 10 2.39 -4.85 -5.01
N LEU A 11 2.37 -3.69 -4.36
CA LEU A 11 3.03 -2.50 -4.89
C LEU A 11 4.53 -2.76 -5.09
N LEU A 12 5.15 -3.35 -4.09
CA LEU A 12 6.58 -3.66 -4.16
C LEU A 12 6.89 -4.58 -5.33
N GLN A 13 6.10 -5.64 -5.48
CA GLN A 13 6.29 -6.60 -6.56
C GLN A 13 6.01 -5.95 -7.91
N THR A 14 5.13 -4.95 -7.91
CA THR A 14 4.78 -4.24 -9.14
C THR A 14 5.98 -3.52 -9.73
N LEU A 15 6.95 -3.21 -8.88
CA LEU A 15 8.16 -2.52 -9.32
C LEU A 15 8.99 -3.41 -10.24
N LYS A 16 8.79 -4.72 -10.13
CA LYS A 16 9.51 -5.68 -10.95
C LYS A 16 8.58 -6.33 -11.97
N SER A 17 7.75 -7.26 -11.51
CA SER A 17 6.82 -7.96 -12.39
C SER A 17 5.38 -7.72 -11.95
N PRO A 18 4.44 -7.93 -12.87
CA PRO A 18 3.01 -7.75 -12.60
C PRO A 18 2.45 -8.81 -11.66
N ASN A 19 1.38 -8.47 -10.95
CA ASN A 19 0.76 -9.41 -10.02
C ASN A 19 -0.64 -8.94 -9.63
N SER A 20 -1.48 -9.87 -9.20
CA SER A 20 -2.84 -9.55 -8.81
C SER A 20 -2.85 -8.69 -7.55
N PRO A 21 -3.86 -7.82 -7.43
CA PRO A 21 -4.02 -6.93 -6.29
C PRO A 21 -4.40 -7.67 -5.01
N GLN A 22 -3.51 -8.55 -4.56
CA GLN A 22 -3.75 -9.34 -3.35
C GLN A 22 -3.87 -8.42 -2.14
N GLN A 23 -2.73 -8.12 -1.51
CA GLN A 23 -2.71 -7.26 -0.34
C GLN A 23 -3.18 -5.86 -0.68
N GLN A 24 -2.72 -5.34 -1.82
CA GLN A 24 -3.09 -4.01 -2.26
C GLN A 24 -4.61 -3.84 -2.27
N GLN A 25 -5.33 -4.96 -2.29
CA GLN A 25 -6.79 -4.94 -2.31
C GLN A 25 -7.32 -4.02 -1.23
N GLN A 26 -8.61 -3.69 -1.33
CA GLN A 26 -9.24 -2.80 -0.36
C GLN A 26 -8.65 -1.39 -0.42
N VAL A 27 -8.61 -0.83 -1.62
CA VAL A 27 -8.06 0.50 -1.82
C VAL A 27 -8.68 1.51 -0.84
N LEU A 28 -9.99 1.46 -0.72
CA LEU A 28 -10.71 2.36 0.17
C LEU A 28 -10.16 2.28 1.59
N HIS A 29 -9.85 1.06 2.03
CA HIS A 29 -9.30 0.85 3.37
C HIS A 29 -7.98 1.58 3.53
N ILE A 30 -7.21 1.66 2.45
CA ILE A 30 -5.91 2.34 2.48
C ILE A 30 -6.08 3.83 2.73
N LEU A 31 -7.17 4.40 2.21
CA LEU A 31 -7.45 5.82 2.37
C LEU A 31 -8.02 6.10 3.75
N LYS A 32 -7.29 5.71 4.79
CA LYS A 32 -7.72 5.92 6.16
C LYS A 32 -6.57 6.46 7.02
N SER A 33 -5.70 7.24 6.39
CA SER A 33 -4.56 7.82 7.09
C SER A 33 -3.57 6.73 7.51
N ASN A 34 -3.07 6.00 6.53
CA ASN A 34 -2.11 4.93 6.78
C ASN A 34 -0.83 5.13 5.98
N PRO A 35 -0.17 6.28 6.20
CA PRO A 35 1.07 6.62 5.51
C PRO A 35 2.24 5.76 5.95
N GLN A 36 2.35 5.53 7.26
CA GLN A 36 3.41 4.72 7.82
C GLN A 36 3.23 3.26 7.46
N LEU A 37 2.01 2.76 7.66
CA LEU A 37 1.70 1.37 7.36
C LEU A 37 1.50 1.16 5.86
N MET A 38 0.43 1.71 5.33
CA MET A 38 0.13 1.59 3.90
C MET A 38 0.79 2.71 3.11
N ALA A 39 2.09 2.87 3.30
CA ALA A 39 2.84 3.91 2.60
C ALA A 39 2.75 3.73 1.08
N ALA A 40 2.27 2.57 0.66
CA ALA A 40 2.13 2.28 -0.76
C ALA A 40 1.34 3.37 -1.47
N PHE A 41 0.03 3.40 -1.22
CA PHE A 41 -0.84 4.39 -1.84
C PHE A 41 -0.37 5.80 -1.52
N ILE A 42 -0.12 6.07 -0.24
CA ILE A 42 0.33 7.39 0.19
C ILE A 42 1.54 7.84 -0.62
N LYS A 43 2.64 7.11 -0.50
CA LYS A 43 3.87 7.44 -1.23
C LYS A 43 3.62 7.42 -2.73
N GLN A 44 2.69 6.58 -3.16
CA GLN A 44 2.35 6.47 -4.58
C GLN A 44 1.78 7.78 -5.11
N ARG A 45 0.69 8.23 -4.49
CA ARG A 45 0.03 9.47 -4.90
C ARG A 45 0.91 10.68 -4.57
N SER A 46 1.61 10.61 -3.44
CA SER A 46 2.48 11.70 -3.01
C SER A 46 3.84 11.60 -3.68
N GLN A 47 4.73 12.52 -3.32
CA GLN A 47 6.08 12.54 -3.89
C GLN A 47 7.13 12.31 -2.81
N GLN A 48 6.86 12.84 -1.61
CA GLN A 48 7.78 12.71 -0.50
C GLN A 48 7.47 11.44 0.30
N GLN A 49 8.25 10.39 0.06
CA GLN A 49 8.05 9.12 0.76
C GLN A 49 8.95 9.03 1.99
N GLN A 50 8.48 8.32 3.00
CA GLN A 50 9.25 8.16 4.24
C GLN A 50 9.49 9.51 4.91
N GLY A 1 -5.66 -5.34 19.76
CA GLY A 1 -4.75 -4.71 18.82
C GLY A 1 -4.43 -5.59 17.64
N SER A 2 -5.36 -5.67 16.69
CA SER A 2 -5.17 -6.49 15.51
C SER A 2 -4.20 -5.84 14.53
N ILE A 3 -3.72 -6.62 13.57
CA ILE A 3 -2.80 -6.11 12.57
C ILE A 3 -3.41 -6.12 11.17
N MET A 4 -3.13 -5.08 10.39
CA MET A 4 -3.65 -4.98 9.04
C MET A 4 -2.86 -5.84 8.07
N PRO A 5 -3.49 -6.24 6.96
CA PRO A 5 -2.85 -7.07 5.94
C PRO A 5 -1.78 -6.33 5.17
N PRO A 6 -0.76 -7.07 4.70
CA PRO A 6 0.36 -6.50 3.93
C PRO A 6 -0.07 -6.02 2.55
N ALA A 7 -0.89 -4.97 2.52
CA ALA A 7 -1.36 -4.41 1.26
C ALA A 7 -0.20 -4.07 0.33
N LEU A 8 0.97 -3.84 0.92
CA LEU A 8 2.16 -3.49 0.15
C LEU A 8 2.73 -4.73 -0.55
N GLN A 9 2.09 -5.87 -0.33
CA GLN A 9 2.52 -7.12 -0.94
C GLN A 9 2.57 -6.99 -2.47
N GLN A 10 1.44 -6.62 -3.06
CA GLN A 10 1.35 -6.47 -4.51
C GLN A 10 2.35 -5.43 -5.00
N LEU A 11 2.56 -4.40 -4.20
CA LEU A 11 3.50 -3.33 -4.56
C LEU A 11 4.89 -3.89 -4.81
N LEU A 12 5.32 -4.82 -3.96
CA LEU A 12 6.63 -5.42 -4.08
C LEU A 12 6.78 -6.14 -5.42
N GLN A 13 5.79 -6.96 -5.76
CA GLN A 13 5.81 -7.70 -7.02
C GLN A 13 5.66 -6.75 -8.21
N THR A 14 5.03 -5.61 -7.97
CA THR A 14 4.81 -4.62 -9.02
C THR A 14 6.13 -4.05 -9.51
N LEU A 15 7.13 -4.05 -8.64
CA LEU A 15 8.45 -3.52 -8.98
C LEU A 15 9.12 -4.40 -10.04
N LYS A 16 8.68 -5.64 -10.13
CA LYS A 16 9.24 -6.58 -11.11
C LYS A 16 8.23 -6.85 -12.23
N SER A 17 7.24 -7.68 -11.95
CA SER A 17 6.21 -8.02 -12.93
C SER A 17 4.88 -7.38 -12.58
N PRO A 18 4.09 -7.07 -13.61
CA PRO A 18 2.77 -6.44 -13.43
C PRO A 18 1.76 -7.38 -12.79
N ASN A 19 0.87 -6.82 -11.97
CA ASN A 19 -0.15 -7.62 -11.30
C ASN A 19 -1.25 -6.72 -10.73
N SER A 20 -2.44 -7.28 -10.59
CA SER A 20 -3.58 -6.52 -10.06
C SER A 20 -3.36 -6.19 -8.59
N PRO A 21 -4.02 -5.12 -8.12
CA PRO A 21 -3.93 -4.67 -6.73
C PRO A 21 -4.62 -5.62 -5.76
N GLN A 22 -4.04 -6.81 -5.60
CA GLN A 22 -4.59 -7.82 -4.70
C GLN A 22 -4.63 -7.30 -3.27
N GLN A 23 -3.49 -7.41 -2.58
CA GLN A 23 -3.40 -6.97 -1.20
C GLN A 23 -3.55 -5.45 -1.11
N GLN A 24 -2.86 -4.73 -1.99
CA GLN A 24 -2.93 -3.27 -2.01
C GLN A 24 -4.36 -2.79 -2.27
N GLN A 25 -5.24 -3.74 -2.57
CA GLN A 25 -6.64 -3.41 -2.85
C GLN A 25 -7.15 -2.38 -1.85
N GLN A 26 -8.16 -1.60 -2.28
CA GLN A 26 -8.74 -0.57 -1.43
C GLN A 26 -7.70 0.46 -1.03
N VAL A 27 -6.84 0.82 -1.98
CA VAL A 27 -5.80 1.80 -1.72
C VAL A 27 -6.38 3.08 -1.13
N LEU A 28 -7.59 3.44 -1.55
CA LEU A 28 -8.25 4.64 -1.05
C LEU A 28 -8.23 4.68 0.46
N HIS A 29 -8.71 3.62 1.09
CA HIS A 29 -8.75 3.53 2.56
C HIS A 29 -7.34 3.58 3.13
N ILE A 30 -6.39 2.99 2.40
CA ILE A 30 -5.00 2.96 2.84
C ILE A 30 -4.39 4.36 2.83
N LEU A 31 -4.90 5.22 1.96
CA LEU A 31 -4.40 6.59 1.85
C LEU A 31 -4.64 7.36 3.15
N LYS A 32 -3.55 7.66 3.85
CA LYS A 32 -3.64 8.40 5.10
C LYS A 32 -4.49 7.64 6.12
N SER A 33 -4.08 6.43 6.45
CA SER A 33 -4.80 5.61 7.42
C SER A 33 -3.84 4.74 8.22
N ASN A 34 -3.02 3.97 7.52
CA ASN A 34 -2.06 3.08 8.17
C ASN A 34 -0.62 3.45 7.77
N PRO A 35 -0.19 4.64 8.17
CA PRO A 35 1.16 5.14 7.86
C PRO A 35 2.24 4.37 8.62
N GLN A 36 1.88 3.83 9.77
CA GLN A 36 2.82 3.07 10.59
C GLN A 36 3.09 1.69 9.98
N LEU A 37 2.06 0.85 9.97
CA LEU A 37 2.19 -0.50 9.41
C LEU A 37 2.27 -0.45 7.90
N MET A 38 1.30 0.22 7.27
CA MET A 38 1.27 0.34 5.82
C MET A 38 2.10 1.53 5.35
N ALA A 39 3.21 1.77 6.04
CA ALA A 39 4.10 2.88 5.68
C ALA A 39 4.55 2.79 4.23
N ALA A 40 4.39 1.61 3.64
CA ALA A 40 4.77 1.39 2.25
C ALA A 40 4.08 2.40 1.33
N PHE A 41 2.76 2.33 1.27
CA PHE A 41 1.99 3.23 0.43
C PHE A 41 2.23 4.68 0.82
N ILE A 42 2.11 4.98 2.11
CA ILE A 42 2.32 6.33 2.61
C ILE A 42 3.69 6.86 2.19
N LYS A 43 4.75 6.21 2.65
CA LYS A 43 6.11 6.61 2.33
C LYS A 43 6.32 6.62 0.82
N GLN A 44 5.63 5.73 0.12
CA GLN A 44 5.75 5.64 -1.33
C GLN A 44 5.24 6.92 -2.00
N ARG A 45 4.11 7.43 -1.53
CA ARG A 45 3.54 8.64 -2.08
C ARG A 45 4.36 9.86 -1.70
N SER A 46 4.74 9.94 -0.43
CA SER A 46 5.54 11.05 0.07
C SER A 46 4.77 12.37 -0.05
N GLN A 47 3.55 12.38 0.49
CA GLN A 47 2.71 13.56 0.45
C GLN A 47 2.42 13.98 -0.99
N GLN A 48 2.19 12.99 -1.85
CA GLN A 48 1.91 13.25 -3.26
C GLN A 48 0.41 13.38 -3.49
N GLN A 49 0.01 14.45 -4.17
CA GLN A 49 -1.39 14.70 -4.46
C GLN A 49 -1.78 14.14 -5.83
N GLN A 50 -2.90 13.44 -5.89
CA GLN A 50 -3.38 12.85 -7.13
C GLN A 50 -4.86 13.15 -7.35
N GLY A 1 -7.21 -0.10 18.04
CA GLY A 1 -5.81 -0.50 17.96
C GLY A 1 -5.60 -1.78 17.17
N SER A 2 -5.46 -1.64 15.87
CA SER A 2 -5.26 -2.80 15.00
C SER A 2 -4.16 -2.53 13.98
N ILE A 3 -3.91 -3.50 13.10
CA ILE A 3 -2.90 -3.37 12.07
C ILE A 3 -3.52 -3.36 10.68
N MET A 4 -2.95 -2.54 9.80
CA MET A 4 -3.45 -2.44 8.43
C MET A 4 -2.94 -3.61 7.59
N PRO A 5 -3.72 -3.97 6.55
CA PRO A 5 -3.37 -5.07 5.65
C PRO A 5 -2.17 -4.73 4.76
N PRO A 6 -1.26 -5.69 4.60
CA PRO A 6 -0.05 -5.51 3.77
C PRO A 6 -0.38 -5.45 2.29
N ALA A 7 -1.09 -4.39 1.88
CA ALA A 7 -1.46 -4.21 0.49
C ALA A 7 -0.23 -4.25 -0.42
N LEU A 8 0.92 -3.95 0.14
CA LEU A 8 2.17 -3.95 -0.61
C LEU A 8 2.63 -5.37 -0.91
N GLN A 9 1.91 -6.35 -0.34
CA GLN A 9 2.25 -7.76 -0.55
C GLN A 9 2.34 -8.08 -2.03
N GLN A 10 1.25 -7.85 -2.75
CA GLN A 10 1.21 -8.13 -4.18
C GLN A 10 2.29 -7.35 -4.92
N LEU A 11 2.55 -6.13 -4.45
CA LEU A 11 3.57 -5.27 -5.07
C LEU A 11 4.94 -5.93 -4.99
N LEU A 12 5.26 -6.49 -3.82
CA LEU A 12 6.54 -7.15 -3.62
C LEU A 12 6.75 -8.26 -4.64
N GLN A 13 5.76 -9.13 -4.78
CA GLN A 13 5.83 -10.24 -5.71
C GLN A 13 5.86 -9.73 -7.16
N THR A 14 5.21 -8.59 -7.38
CA THR A 14 5.16 -8.00 -8.72
C THR A 14 6.55 -7.63 -9.21
N LEU A 15 7.47 -7.45 -8.28
CA LEU A 15 8.85 -7.09 -8.63
C LEU A 15 9.53 -8.22 -9.39
N LYS A 16 9.03 -9.44 -9.21
CA LYS A 16 9.58 -10.61 -9.88
C LYS A 16 8.55 -11.23 -10.82
N SER A 17 7.59 -11.94 -10.26
CA SER A 17 6.54 -12.59 -11.04
C SER A 17 5.25 -11.80 -10.98
N PRO A 18 4.35 -12.06 -11.95
CA PRO A 18 3.05 -11.38 -12.02
C PRO A 18 2.11 -11.80 -10.90
N ASN A 19 1.24 -10.89 -10.49
CA ASN A 19 0.28 -11.16 -9.42
C ASN A 19 -0.84 -10.13 -9.43
N SER A 20 -2.07 -10.60 -9.22
CA SER A 20 -3.24 -9.73 -9.20
C SER A 20 -3.20 -8.81 -7.98
N PRO A 21 -3.82 -7.63 -8.11
CA PRO A 21 -3.88 -6.64 -7.03
C PRO A 21 -4.77 -7.08 -5.89
N GLN A 22 -4.48 -8.25 -5.34
CA GLN A 22 -5.26 -8.80 -4.22
C GLN A 22 -5.23 -7.86 -3.03
N GLN A 23 -4.17 -7.97 -2.22
CA GLN A 23 -4.03 -7.14 -1.04
C GLN A 23 -3.90 -5.66 -1.42
N GLN A 24 -3.14 -5.40 -2.48
CA GLN A 24 -2.93 -4.03 -2.96
C GLN A 24 -4.27 -3.37 -3.27
N GLN A 25 -5.31 -4.17 -3.41
CA GLN A 25 -6.64 -3.66 -3.72
C GLN A 25 -7.00 -2.50 -2.79
N GLN A 26 -7.98 -1.70 -3.21
CA GLN A 26 -8.42 -0.56 -2.41
C GLN A 26 -7.31 0.48 -2.30
N VAL A 27 -6.71 0.84 -3.44
CA VAL A 27 -5.64 1.82 -3.47
C VAL A 27 -6.04 3.10 -2.72
N LEU A 28 -7.25 3.57 -2.99
CA LEU A 28 -7.76 4.78 -2.35
C LEU A 28 -7.66 4.68 -0.83
N HIS A 29 -8.03 3.51 -0.30
CA HIS A 29 -7.98 3.29 1.14
C HIS A 29 -6.55 3.39 1.66
N ILE A 30 -5.63 2.75 0.95
CA ILE A 30 -4.22 2.76 1.34
C ILE A 30 -3.64 4.17 1.23
N LEU A 31 -4.13 4.92 0.26
CA LEU A 31 -3.66 6.29 0.04
C LEU A 31 -4.00 7.17 1.23
N LYS A 32 -2.98 7.85 1.76
CA LYS A 32 -3.16 8.74 2.91
C LYS A 32 -3.88 8.03 4.04
N SER A 33 -3.35 6.88 4.45
CA SER A 33 -3.95 6.10 5.53
C SER A 33 -2.89 5.36 6.33
N ASN A 34 -2.06 4.58 5.63
CA ASN A 34 -1.01 3.82 6.27
C ASN A 34 0.36 4.20 5.71
N PRO A 35 0.76 5.46 5.93
CA PRO A 35 2.05 5.98 5.45
C PRO A 35 3.23 5.37 6.19
N GLN A 36 3.07 5.20 7.50
CA GLN A 36 4.13 4.63 8.32
C GLN A 36 4.26 3.13 8.08
N LEU A 37 3.14 2.43 8.13
CA LEU A 37 3.12 0.99 7.91
C LEU A 37 3.24 0.66 6.43
N MET A 38 2.23 1.05 5.66
CA MET A 38 2.23 0.80 4.22
C MET A 38 3.00 1.89 3.48
N ALA A 39 4.14 2.29 4.03
CA ALA A 39 4.96 3.33 3.42
C ALA A 39 5.28 2.98 1.96
N ALA A 40 5.21 1.70 1.63
CA ALA A 40 5.48 1.24 0.28
C ALA A 40 4.58 1.94 -0.73
N PHE A 41 3.28 1.74 -0.60
CA PHE A 41 2.31 2.36 -1.51
C PHE A 41 2.43 3.88 -1.47
N ILE A 42 2.36 4.44 -0.27
CA ILE A 42 2.46 5.89 -0.11
C ILE A 42 3.71 6.44 -0.79
N LYS A 43 4.88 6.03 -0.30
CA LYS A 43 6.14 6.48 -0.86
C LYS A 43 6.02 7.90 -1.42
N GLN A 44 6.10 8.87 -0.53
CA GLN A 44 6.00 10.28 -0.93
C GLN A 44 5.10 10.43 -2.15
N ARG A 45 3.88 9.92 -2.04
CA ARG A 45 2.92 9.99 -3.14
C ARG A 45 2.44 11.44 -3.35
N SER A 46 1.97 12.06 -2.27
CA SER A 46 1.49 13.44 -2.34
C SER A 46 1.63 14.12 -0.99
N GLN A 47 1.01 15.30 -0.87
CA GLN A 47 1.07 16.07 0.38
C GLN A 47 -0.32 16.19 1.00
N GLN A 48 -0.56 15.40 2.04
CA GLN A 48 -1.85 15.41 2.72
C GLN A 48 -1.85 16.44 3.85
N GLN A 49 -3.04 16.74 4.37
CA GLN A 49 -3.18 17.70 5.46
C GLN A 49 -3.15 17.01 6.81
N GLN A 50 -2.65 17.72 7.83
CA GLN A 50 -2.57 17.17 9.18
C GLN A 50 -3.14 18.15 10.20
N GLY A 1 -9.39 -6.02 14.76
CA GLY A 1 -8.30 -6.95 14.56
C GLY A 1 -7.05 -6.59 15.34
N SER A 2 -5.93 -7.17 14.96
CA SER A 2 -4.66 -6.91 15.63
C SER A 2 -3.64 -6.31 14.67
N ILE A 3 -3.43 -6.98 13.55
CA ILE A 3 -2.49 -6.52 12.55
C ILE A 3 -3.19 -6.15 11.25
N MET A 4 -2.74 -5.08 10.61
CA MET A 4 -3.33 -4.63 9.35
C MET A 4 -2.81 -5.46 8.18
N PRO A 5 -3.60 -5.54 7.11
CA PRO A 5 -3.24 -6.29 5.90
C PRO A 5 -2.10 -5.63 5.13
N PRO A 6 -1.15 -6.46 4.67
CA PRO A 6 0.01 -5.98 3.90
C PRO A 6 -0.38 -5.48 2.52
N ALA A 7 -1.10 -4.37 2.47
CA ALA A 7 -1.53 -3.79 1.20
C ALA A 7 -0.34 -3.55 0.28
N LEU A 8 0.84 -3.40 0.87
CA LEU A 8 2.06 -3.16 0.09
C LEU A 8 2.52 -4.43 -0.61
N GLN A 9 1.79 -5.51 -0.39
CA GLN A 9 2.12 -6.79 -0.99
C GLN A 9 2.22 -6.66 -2.52
N GLN A 10 1.14 -6.22 -3.13
CA GLN A 10 1.10 -6.05 -4.59
C GLN A 10 2.17 -5.06 -5.03
N LEU A 11 2.43 -4.05 -4.22
CA LEU A 11 3.44 -3.04 -4.54
C LEU A 11 4.81 -3.68 -4.71
N LEU A 12 5.13 -4.63 -3.83
CA LEU A 12 6.42 -5.31 -3.88
C LEU A 12 6.60 -6.03 -5.22
N GLN A 13 5.57 -6.77 -5.64
CA GLN A 13 5.61 -7.50 -6.90
C GLN A 13 5.64 -6.54 -8.09
N THR A 14 5.10 -5.34 -7.88
CA THR A 14 5.05 -4.33 -8.93
C THR A 14 6.46 -3.90 -9.34
N LEU A 15 7.41 -4.06 -8.42
CA LEU A 15 8.79 -3.68 -8.68
C LEU A 15 9.40 -4.56 -9.77
N LYS A 16 8.83 -5.75 -9.95
CA LYS A 16 9.32 -6.68 -10.96
C LYS A 16 8.30 -6.83 -12.09
N SER A 17 7.26 -7.61 -11.85
CA SER A 17 6.22 -7.84 -12.84
C SER A 17 4.91 -7.15 -12.44
N PRO A 18 4.10 -6.80 -13.44
CA PRO A 18 2.82 -6.13 -13.21
C PRO A 18 1.79 -7.06 -12.58
N ASN A 19 0.86 -6.47 -11.82
CA ASN A 19 -0.18 -7.24 -11.17
C ASN A 19 -1.33 -6.34 -10.69
N SER A 20 -2.50 -6.92 -10.51
CA SER A 20 -3.67 -6.17 -10.07
C SER A 20 -3.51 -5.73 -8.62
N PRO A 21 -4.18 -4.62 -8.27
CA PRO A 21 -4.13 -4.07 -6.90
C PRO A 21 -4.86 -4.96 -5.90
N GLN A 22 -4.33 -6.15 -5.66
CA GLN A 22 -4.93 -7.09 -4.72
C GLN A 22 -4.91 -6.51 -3.31
N GLN A 23 -3.82 -6.74 -2.59
CA GLN A 23 -3.68 -6.25 -1.23
C GLN A 23 -3.70 -4.72 -1.19
N GLN A 24 -2.98 -4.11 -2.12
CA GLN A 24 -2.92 -2.66 -2.20
C GLN A 24 -4.32 -2.05 -2.26
N GLN A 25 -5.30 -2.88 -2.59
CA GLN A 25 -6.68 -2.42 -2.71
C GLN A 25 -7.06 -1.59 -1.49
N GLN A 26 -8.14 -0.81 -1.63
CA GLN A 26 -8.61 0.04 -0.54
C GLN A 26 -7.61 1.15 -0.25
N VAL A 27 -7.21 1.87 -1.28
CA VAL A 27 -6.27 2.97 -1.14
C VAL A 27 -6.72 3.95 -0.05
N LEU A 28 -7.91 4.50 -0.23
CA LEU A 28 -8.46 5.45 0.74
C LEU A 28 -8.39 4.89 2.15
N HIS A 29 -8.77 3.63 2.31
CA HIS A 29 -8.75 2.97 3.61
C HIS A 29 -7.33 2.92 4.16
N ILE A 30 -6.36 2.70 3.28
CA ILE A 30 -4.96 2.62 3.68
C ILE A 30 -4.46 3.97 4.16
N LEU A 31 -4.93 5.03 3.52
CA LEU A 31 -4.52 6.39 3.89
C LEU A 31 -5.13 6.80 5.24
N LYS A 32 -4.33 7.46 6.06
CA LYS A 32 -4.78 7.91 7.37
C LYS A 32 -5.41 6.75 8.15
N SER A 33 -4.69 5.63 8.20
CA SER A 33 -5.18 4.45 8.91
C SER A 33 -4.02 3.67 9.51
N ASN A 34 -3.15 3.15 8.65
CA ASN A 34 -2.00 2.38 9.10
C ASN A 34 -0.71 2.92 8.49
N PRO A 35 -0.38 4.17 8.85
CA PRO A 35 0.84 4.83 8.35
C PRO A 35 2.11 4.22 8.92
N GLN A 36 1.99 3.59 10.09
CA GLN A 36 3.14 2.97 10.74
C GLN A 36 3.51 1.66 10.05
N LEU A 37 2.57 0.73 10.02
CA LEU A 37 2.80 -0.57 9.38
C LEU A 37 2.75 -0.45 7.87
N MET A 38 1.70 0.20 7.36
CA MET A 38 1.53 0.39 5.93
C MET A 38 2.25 1.65 5.46
N ALA A 39 3.33 2.00 6.15
CA ALA A 39 4.11 3.19 5.79
C ALA A 39 4.53 3.15 4.33
N ALA A 40 4.57 1.95 3.76
CA ALA A 40 4.96 1.78 2.37
C ALA A 40 4.07 2.62 1.45
N PHE A 41 2.77 2.35 1.49
CA PHE A 41 1.82 3.08 0.65
C PHE A 41 1.85 4.57 0.97
N ILE A 42 1.58 4.91 2.23
CA ILE A 42 1.58 6.29 2.67
C ILE A 42 2.90 6.98 2.35
N LYS A 43 3.92 6.70 3.15
CA LYS A 43 5.24 7.28 2.95
C LYS A 43 5.82 6.86 1.59
N GLN A 44 6.79 7.62 1.12
CA GLN A 44 7.43 7.33 -0.16
C GLN A 44 6.47 6.61 -1.10
N ARG A 45 5.33 7.25 -1.38
CA ARG A 45 4.33 6.67 -2.25
C ARG A 45 4.80 6.67 -3.71
N SER A 46 5.24 7.83 -4.18
CA SER A 46 5.72 7.97 -5.56
C SER A 46 4.70 7.41 -6.54
N GLN A 47 3.44 7.79 -6.35
CA GLN A 47 2.37 7.33 -7.23
C GLN A 47 1.63 8.50 -7.85
N GLN A 48 0.80 9.16 -7.06
CA GLN A 48 0.03 10.31 -7.53
C GLN A 48 0.78 11.61 -7.27
N GLN A 49 0.30 12.69 -7.89
CA GLN A 49 0.93 14.00 -7.72
C GLN A 49 0.27 14.78 -6.59
N GLN A 50 1.06 15.60 -5.90
CA GLN A 50 0.54 16.41 -4.80
C GLN A 50 0.35 17.86 -5.23
N GLY A 1 -8.40 -9.98 14.93
CA GLY A 1 -7.69 -8.97 14.15
C GLY A 1 -6.85 -8.07 15.03
N SER A 2 -5.53 -8.17 14.89
CA SER A 2 -4.61 -7.36 15.67
C SER A 2 -3.75 -6.47 14.76
N ILE A 3 -3.29 -7.04 13.66
CA ILE A 3 -2.47 -6.30 12.70
C ILE A 3 -3.19 -6.14 11.37
N MET A 4 -2.90 -5.05 10.68
CA MET A 4 -3.52 -4.78 9.38
C MET A 4 -2.89 -5.65 8.29
N PRO A 5 -3.64 -5.88 7.21
CA PRO A 5 -3.17 -6.70 6.08
C PRO A 5 -2.07 -6.00 5.28
N PRO A 6 -1.12 -6.81 4.78
CA PRO A 6 0.01 -6.29 4.00
C PRO A 6 -0.43 -5.78 2.62
N ALA A 7 -1.29 -4.77 2.62
CA ALA A 7 -1.78 -4.20 1.38
C ALA A 7 -0.63 -3.73 0.49
N LEU A 8 0.51 -3.46 1.11
CA LEU A 8 1.69 -3.01 0.38
C LEU A 8 2.33 -4.16 -0.39
N GLN A 9 1.80 -5.37 -0.19
CA GLN A 9 2.31 -6.55 -0.87
C GLN A 9 2.39 -6.32 -2.38
N GLN A 10 1.25 -6.00 -2.98
CA GLN A 10 1.19 -5.76 -4.41
C GLN A 10 2.16 -4.66 -4.82
N LEU A 11 2.29 -3.64 -3.98
CA LEU A 11 3.18 -2.52 -4.24
C LEU A 11 4.63 -2.99 -4.34
N LEU A 12 5.01 -3.89 -3.44
CA LEU A 12 6.37 -4.43 -3.42
C LEU A 12 6.72 -5.06 -4.77
N GLN A 13 5.85 -5.94 -5.25
CA GLN A 13 6.07 -6.61 -6.53
C GLN A 13 6.05 -5.61 -7.68
N THR A 14 5.29 -4.53 -7.51
CA THR A 14 5.18 -3.51 -8.54
C THR A 14 6.54 -2.84 -8.78
N LEU A 15 7.43 -2.94 -7.81
CA LEU A 15 8.75 -2.35 -7.93
C LEU A 15 9.56 -3.02 -9.03
N LYS A 16 9.19 -4.26 -9.36
CA LYS A 16 9.88 -5.02 -10.40
C LYS A 16 8.93 -5.32 -11.56
N SER A 17 8.08 -6.32 -11.38
CA SER A 17 7.13 -6.70 -12.41
C SER A 17 5.71 -6.26 -12.04
N PRO A 18 4.84 -6.20 -13.06
CA PRO A 18 3.44 -5.78 -12.87
C PRO A 18 2.63 -6.82 -12.09
N ASN A 19 1.59 -6.36 -11.41
CA ASN A 19 0.74 -7.25 -10.64
C ASN A 19 -0.58 -6.57 -10.28
N SER A 20 -1.65 -7.35 -10.18
CA SER A 20 -2.96 -6.82 -9.85
C SER A 20 -3.00 -6.32 -8.41
N PRO A 21 -3.94 -5.39 -8.13
CA PRO A 21 -4.10 -4.80 -6.80
C PRO A 21 -4.66 -5.81 -5.79
N GLN A 22 -3.94 -6.90 -5.59
CA GLN A 22 -4.38 -7.93 -4.66
C GLN A 22 -4.54 -7.37 -3.25
N GLN A 23 -3.46 -7.41 -2.47
CA GLN A 23 -3.49 -6.90 -1.10
C GLN A 23 -3.74 -5.39 -1.09
N GLN A 24 -3.14 -4.70 -2.06
CA GLN A 24 -3.30 -3.25 -2.16
C GLN A 24 -4.76 -2.86 -2.21
N GLN A 25 -5.62 -3.82 -2.56
CA GLN A 25 -7.05 -3.57 -2.65
C GLN A 25 -7.57 -2.89 -1.38
N GLN A 26 -8.79 -2.36 -1.46
CA GLN A 26 -9.39 -1.68 -0.33
C GLN A 26 -8.62 -0.40 0.02
N VAL A 27 -8.54 0.51 -0.95
CA VAL A 27 -7.83 1.76 -0.75
C VAL A 27 -8.29 2.46 0.53
N LEU A 28 -9.60 2.52 0.73
CA LEU A 28 -10.16 3.16 1.92
C LEU A 28 -9.60 2.54 3.18
N HIS A 29 -9.42 1.21 3.17
CA HIS A 29 -8.88 0.49 4.32
C HIS A 29 -7.47 0.96 4.64
N ILE A 30 -6.71 1.27 3.60
CA ILE A 30 -5.33 1.73 3.77
C ILE A 30 -5.29 3.09 4.47
N LEU A 31 -6.34 3.87 4.28
CA LEU A 31 -6.43 5.20 4.89
C LEU A 31 -6.86 5.09 6.35
N LYS A 32 -6.15 4.28 7.12
CA LYS A 32 -6.45 4.09 8.54
C LYS A 32 -5.24 4.39 9.40
N SER A 33 -4.41 5.33 8.96
CA SER A 33 -3.20 5.71 9.69
C SER A 33 -2.26 4.52 9.81
N ASN A 34 -1.85 3.98 8.67
CA ASN A 34 -0.94 2.83 8.64
C ASN A 34 0.29 3.14 7.79
N PRO A 35 1.01 4.21 8.14
CA PRO A 35 2.21 4.63 7.42
C PRO A 35 3.38 3.66 7.62
N GLN A 36 3.50 3.13 8.82
CA GLN A 36 4.56 2.18 9.14
C GLN A 36 4.30 0.83 8.50
N LEU A 37 3.10 0.31 8.70
CA LEU A 37 2.72 -0.99 8.14
C LEU A 37 2.34 -0.85 6.67
N MET A 38 1.25 -0.11 6.41
CA MET A 38 0.79 0.10 5.04
C MET A 38 1.48 1.29 4.41
N ALA A 39 2.80 1.34 4.53
CA ALA A 39 3.59 2.43 3.96
C ALA A 39 3.38 2.53 2.46
N ALA A 40 2.75 1.51 1.88
CA ALA A 40 2.50 1.48 0.45
C ALA A 40 1.85 2.79 -0.02
N PHE A 41 0.56 2.94 0.25
CA PHE A 41 -0.18 4.13 -0.14
C PHE A 41 0.46 5.37 0.47
N ILE A 42 0.68 5.34 1.78
CA ILE A 42 1.29 6.47 2.48
C ILE A 42 2.52 6.97 1.75
N LYS A 43 3.55 6.14 1.67
CA LYS A 43 4.79 6.50 0.99
C LYS A 43 4.53 6.82 -0.48
N GLN A 44 3.55 6.13 -1.06
CA GLN A 44 3.20 6.34 -2.46
C GLN A 44 2.69 7.76 -2.69
N ARG A 45 1.99 8.30 -1.71
CA ARG A 45 1.44 9.65 -1.81
C ARG A 45 2.57 10.68 -1.76
N SER A 46 3.15 10.98 -2.90
CA SER A 46 4.24 11.95 -2.99
C SER A 46 3.69 13.37 -3.09
N GLN A 47 4.59 14.34 -3.24
CA GLN A 47 4.19 15.73 -3.34
C GLN A 47 4.60 16.32 -4.69
N GLN A 48 5.76 15.92 -5.18
CA GLN A 48 6.27 16.39 -6.46
C GLN A 48 5.82 15.48 -7.60
N GLN A 49 5.58 16.08 -8.76
CA GLN A 49 5.14 15.31 -9.93
C GLN A 49 6.34 14.91 -10.79
N GLN A 50 6.24 13.75 -11.42
CA GLN A 50 7.31 13.24 -12.28
C GLN A 50 6.78 12.88 -13.66
N GLY A 1 -5.29 -1.36 20.02
CA GLY A 1 -4.42 -1.12 18.88
C GLY A 1 -4.86 -1.86 17.64
N SER A 2 -4.85 -1.18 16.51
CA SER A 2 -5.26 -1.78 15.25
C SER A 2 -4.20 -1.55 14.17
N ILE A 3 -3.89 -2.62 13.44
CA ILE A 3 -2.89 -2.54 12.38
C ILE A 3 -3.52 -2.78 11.01
N MET A 4 -3.06 -2.04 10.01
CA MET A 4 -3.58 -2.16 8.66
C MET A 4 -2.96 -3.37 7.95
N PRO A 5 -3.68 -3.90 6.95
CA PRO A 5 -3.21 -5.06 6.18
C PRO A 5 -2.02 -4.73 5.29
N PRO A 6 -1.16 -5.73 5.06
CA PRO A 6 0.03 -5.58 4.22
C PRO A 6 -0.31 -5.39 2.74
N ALA A 7 -0.99 -4.30 2.44
CA ALA A 7 -1.39 -4.00 1.06
C ALA A 7 -0.17 -3.99 0.14
N LEU A 8 1.01 -3.76 0.72
CA LEU A 8 2.25 -3.72 -0.04
C LEU A 8 2.71 -5.12 -0.40
N GLN A 9 1.93 -6.13 0.01
CA GLN A 9 2.26 -7.52 -0.27
C GLN A 9 2.48 -7.73 -1.77
N GLN A 10 1.40 -7.64 -2.54
CA GLN A 10 1.48 -7.83 -3.98
C GLN A 10 2.44 -6.83 -4.61
N LEU A 11 2.60 -5.68 -3.96
CA LEU A 11 3.48 -4.63 -4.47
C LEU A 11 4.92 -5.14 -4.56
N LEU A 12 5.36 -5.83 -3.50
CA LEU A 12 6.72 -6.38 -3.46
C LEU A 12 6.97 -7.30 -4.65
N GLN A 13 6.03 -8.22 -4.90
CA GLN A 13 6.15 -9.16 -6.01
C GLN A 13 6.09 -8.43 -7.34
N THR A 14 5.34 -7.34 -7.38
CA THR A 14 5.19 -6.56 -8.60
C THR A 14 6.52 -5.94 -9.02
N LEU A 15 7.44 -5.80 -8.07
CA LEU A 15 8.74 -5.22 -8.34
C LEU A 15 9.55 -6.12 -9.28
N LYS A 16 9.20 -7.40 -9.30
CA LYS A 16 9.90 -8.37 -10.16
C LYS A 16 8.95 -8.91 -11.22
N SER A 17 8.08 -9.82 -10.82
CA SER A 17 7.12 -10.43 -11.74
C SER A 17 5.73 -9.83 -11.55
N PRO A 18 4.87 -9.99 -12.57
CA PRO A 18 3.50 -9.48 -12.54
C PRO A 18 2.62 -10.23 -11.56
N ASN A 19 1.68 -9.53 -10.94
CA ASN A 19 0.77 -10.14 -9.98
C ASN A 19 -0.45 -9.25 -9.75
N SER A 20 -1.60 -9.88 -9.53
CA SER A 20 -2.84 -9.15 -9.30
C SER A 20 -2.79 -8.40 -7.97
N PRO A 21 -3.67 -7.40 -7.83
CA PRO A 21 -3.75 -6.59 -6.61
C PRO A 21 -4.29 -7.36 -5.42
N GLN A 22 -3.47 -8.25 -4.87
CA GLN A 22 -3.87 -9.06 -3.72
C GLN A 22 -4.24 -8.18 -2.53
N GLN A 23 -3.31 -8.06 -1.59
CA GLN A 23 -3.54 -7.25 -0.40
C GLN A 23 -3.65 -5.77 -0.76
N GLN A 24 -2.91 -5.37 -1.80
CA GLN A 24 -2.93 -3.97 -2.24
C GLN A 24 -4.34 -3.50 -2.52
N GLN A 25 -5.26 -4.45 -2.65
CA GLN A 25 -6.67 -4.14 -2.92
C GLN A 25 -7.17 -3.06 -1.96
N GLN A 26 -8.34 -2.50 -2.27
CA GLN A 26 -8.92 -1.46 -1.43
C GLN A 26 -8.04 -0.22 -1.38
N VAL A 27 -7.68 0.27 -2.56
CA VAL A 27 -6.83 1.46 -2.66
C VAL A 27 -7.38 2.60 -1.80
N LEU A 28 -8.68 2.82 -1.90
CA LEU A 28 -9.33 3.88 -1.13
C LEU A 28 -9.02 3.76 0.35
N HIS A 29 -9.06 2.52 0.86
CA HIS A 29 -8.78 2.27 2.26
C HIS A 29 -7.35 2.68 2.61
N ILE A 30 -6.42 2.42 1.69
CA ILE A 30 -5.02 2.76 1.91
C ILE A 30 -4.83 4.27 1.98
N LEU A 31 -5.70 5.01 1.30
CA LEU A 31 -5.62 6.47 1.29
C LEU A 31 -6.17 7.04 2.60
N LYS A 32 -5.58 6.62 3.71
CA LYS A 32 -6.00 7.09 5.03
C LYS A 32 -4.79 7.45 5.89
N SER A 33 -3.71 7.89 5.24
CA SER A 33 -2.50 8.25 5.95
C SER A 33 -1.86 7.03 6.61
N ASN A 34 -1.41 6.09 5.78
CA ASN A 34 -0.78 4.88 6.29
C ASN A 34 0.58 4.65 5.64
N PRO A 35 1.46 5.67 5.73
CA PRO A 35 2.81 5.62 5.16
C PRO A 35 3.71 4.64 5.90
N GLN A 36 3.27 4.21 7.09
CA GLN A 36 4.04 3.28 7.89
C GLN A 36 4.03 1.89 7.29
N LEU A 37 2.90 1.19 7.46
CA LEU A 37 2.75 -0.16 6.93
C LEU A 37 2.52 -0.13 5.42
N MET A 38 1.56 0.69 5.00
CA MET A 38 1.24 0.83 3.58
C MET A 38 2.10 1.88 2.91
N ALA A 39 3.37 1.93 3.31
CA ALA A 39 4.32 2.88 2.75
C ALA A 39 4.36 2.78 1.23
N ALA A 40 3.96 1.63 0.70
CA ALA A 40 3.96 1.41 -0.74
C ALA A 40 3.11 2.45 -1.45
N PHE A 41 1.81 2.45 -1.16
CA PHE A 41 0.90 3.40 -1.78
C PHE A 41 1.39 4.84 -1.59
N ILE A 42 1.61 5.22 -0.34
CA ILE A 42 2.08 6.56 -0.03
C ILE A 42 3.33 6.91 -0.83
N LYS A 43 4.27 5.98 -0.87
CA LYS A 43 5.52 6.18 -1.61
C LYS A 43 5.24 6.32 -3.11
N GLN A 44 4.24 5.59 -3.59
CA GLN A 44 3.88 5.63 -5.01
C GLN A 44 3.39 7.02 -5.40
N ARG A 45 2.41 7.54 -4.66
CA ARG A 45 1.86 8.85 -4.94
C ARG A 45 2.87 9.95 -4.58
N SER A 46 3.62 9.72 -3.52
CA SER A 46 4.62 10.70 -3.08
C SER A 46 4.00 12.08 -2.92
N GLN A 47 2.74 12.11 -2.50
CA GLN A 47 2.03 13.37 -2.31
C GLN A 47 1.46 13.47 -0.89
N GLN A 48 2.35 13.54 0.09
CA GLN A 48 1.95 13.63 1.49
C GLN A 48 1.81 15.09 1.92
N GLN A 49 1.04 15.33 2.96
CA GLN A 49 0.83 16.68 3.47
C GLN A 49 1.82 17.00 4.59
N GLN A 50 2.31 18.23 4.59
CA GLN A 50 3.28 18.66 5.60
C GLN A 50 2.60 19.56 6.64
#